data_3B09
# 
_entry.id   3B09 
# 
_audit_conform.dict_name       mmcif_pdbx.dic 
_audit_conform.dict_version    5.397 
_audit_conform.dict_location   http://mmcif.pdb.org/dictionaries/ascii/mmcif_pdbx.dic 
# 
loop_
_database_2.database_id 
_database_2.database_code 
_database_2.pdbx_database_accession 
_database_2.pdbx_DOI 
PDB   3B09         pdb_00003b09 10.2210/pdb3b09/pdb 
RCSB  RCSB029915   ?            ?                   
WWPDB D_1000029915 ?            ?                   
# 
loop_
_pdbx_audit_revision_history.ordinal 
_pdbx_audit_revision_history.data_content_type 
_pdbx_audit_revision_history.major_revision 
_pdbx_audit_revision_history.minor_revision 
_pdbx_audit_revision_history.revision_date 
1 'Structure model' 1 0 2012-04-18 
2 'Structure model' 1 1 2024-10-30 
# 
_pdbx_audit_revision_details.ordinal             1 
_pdbx_audit_revision_details.revision_ordinal    1 
_pdbx_audit_revision_details.data_content_type   'Structure model' 
_pdbx_audit_revision_details.provider            repository 
_pdbx_audit_revision_details.type                'Initial release' 
_pdbx_audit_revision_details.description         ? 
_pdbx_audit_revision_details.details             ? 
# 
loop_
_pdbx_audit_revision_group.ordinal 
_pdbx_audit_revision_group.revision_ordinal 
_pdbx_audit_revision_group.data_content_type 
_pdbx_audit_revision_group.group 
1 2 'Structure model' 'Data collection'      
2 2 'Structure model' 'Database references'  
3 2 'Structure model' 'Derived calculations' 
4 2 'Structure model' 'Structure summary'    
# 
loop_
_pdbx_audit_revision_category.ordinal 
_pdbx_audit_revision_category.revision_ordinal 
_pdbx_audit_revision_category.data_content_type 
_pdbx_audit_revision_category.category 
1 2 'Structure model' chem_comp_atom            
2 2 'Structure model' chem_comp_bond            
3 2 'Structure model' database_2                
4 2 'Structure model' pdbx_entry_details        
5 2 'Structure model' pdbx_modification_feature 
6 2 'Structure model' struct_conn               
7 2 'Structure model' struct_ref_seq_dif        
# 
loop_
_pdbx_audit_revision_item.ordinal 
_pdbx_audit_revision_item.revision_ordinal 
_pdbx_audit_revision_item.data_content_type 
_pdbx_audit_revision_item.item 
1 2 'Structure model' '_database_2.pdbx_DOI'                
2 2 'Structure model' '_database_2.pdbx_database_accession' 
3 2 'Structure model' '_struct_conn.pdbx_leaving_atom_flag' 
4 2 'Structure model' '_struct_ref_seq_dif.details'         
# 
_pdbx_database_status.status_code                     REL 
_pdbx_database_status.entry_id                        3B09 
_pdbx_database_status.recvd_initial_deposition_date   2011-06-07 
_pdbx_database_status.deposit_site                    PDBJ 
_pdbx_database_status.process_site                    PDBJ 
_pdbx_database_status.status_code_sf                  REL 
_pdbx_database_status.status_code_mr                  ? 
_pdbx_database_status.SG_entry                        ? 
_pdbx_database_status.status_code_cs                  ? 
_pdbx_database_status.methods_development_category    ? 
_pdbx_database_status.pdb_format_compatible           Y 
_pdbx_database_status.status_code_nmr_data            ? 
# 
loop_
_audit_author.name 
_audit_author.pdbx_ordinal 
'Budiman, C.'      1 
'Angkawidjaja, C.' 2 
'Motoike, H.'      3 
'Koga, Y.'         4 
'Takano, K.'       5 
'Kanaya, S.'       6 
# 
_citation.id                        primary 
_citation.title                     
'Crystal structure of N-domain of FKBP22 from Shewanella sp. SIB1: dimer dissociation by disruption of Val-Leu knot' 
_citation.journal_abbrev            'Protein Sci.' 
_citation.journal_volume            20 
_citation.page_first                1755 
_citation.page_last                 1764 
_citation.year                      2011 
_citation.journal_id_ASTM           PRCIEI 
_citation.country                   US 
_citation.journal_id_ISSN           0961-8368 
_citation.journal_id_CSD            0795 
_citation.book_publisher            ? 
_citation.pdbx_database_id_PubMed   21837652 
_citation.pdbx_database_id_DOI      10.1002/pro.714 
# 
loop_
_citation_author.citation_id 
_citation_author.name 
_citation_author.ordinal 
_citation_author.identifier_ORCID 
primary 'Budiman, C.'      1 ? 
primary 'Angkawidjaja, C.' 2 ? 
primary 'Motoike, H.'      3 ? 
primary 'Koga, Y.'         4 ? 
primary 'Takano, K.'       5 ? 
primary 'Kanaya, S.'       6 ? 
# 
loop_
_entity.id 
_entity.type 
_entity.src_method 
_entity.pdbx_description 
_entity.formula_weight 
_entity.pdbx_number_of_molecules 
_entity.pdbx_ec 
_entity.pdbx_mutation 
_entity.pdbx_fragment 
_entity.details 
1 polymer man 'Peptidyl-prolyl cis-trans isomerase' 9706.961 1  5.2.1.8 ? 'N-terminal domain, residues 1-68' ? 
2 water   nat water                                 18.015   28 ?       ? ?                                  ? 
# 
_entity_name_com.entity_id   1 
_entity_name_com.name        'FKBP22, FK506-binding protein' 
# 
_entity_poly.entity_id                      1 
_entity_poly.type                           'polypeptide(L)' 
_entity_poly.nstd_linkage                   no 
_entity_poly.nstd_monomer                   yes 
_entity_poly.pdbx_seq_one_letter_code       
;(MSE)GSSHHHHHHSSGLVPRGSH(MSE)SDLFST(MSE)EQHASYGVGRQ(MSE)GEQLAANSFEGIDIPAVQAGLADA
FAGKESAVS(MSE)EELQVAFTEISRRL
;
_entity_poly.pdbx_seq_one_letter_code_can   
;MGSSHHHHHHSSGLVPRGSHMSDLFSTMEQHASYGVGRQMGEQLAANSFEGIDIPAVQAGLADAFAGKESAVSMEELQVA
FTEISRRL
;
_entity_poly.pdbx_strand_id                 A 
_entity_poly.pdbx_target_identifier         ? 
# 
_pdbx_entity_nonpoly.entity_id   2 
_pdbx_entity_nonpoly.name        water 
_pdbx_entity_nonpoly.comp_id     HOH 
# 
loop_
_entity_poly_seq.entity_id 
_entity_poly_seq.num 
_entity_poly_seq.mon_id 
_entity_poly_seq.hetero 
1 1  MSE n 
1 2  GLY n 
1 3  SER n 
1 4  SER n 
1 5  HIS n 
1 6  HIS n 
1 7  HIS n 
1 8  HIS n 
1 9  HIS n 
1 10 HIS n 
1 11 SER n 
1 12 SER n 
1 13 GLY n 
1 14 LEU n 
1 15 VAL n 
1 16 PRO n 
1 17 ARG n 
1 18 GLY n 
1 19 SER n 
1 20 HIS n 
1 21 MSE n 
1 22 SER n 
1 23 ASP n 
1 24 LEU n 
1 25 PHE n 
1 26 SER n 
1 27 THR n 
1 28 MSE n 
1 29 GLU n 
1 30 GLN n 
1 31 HIS n 
1 32 ALA n 
1 33 SER n 
1 34 TYR n 
1 35 GLY n 
1 36 VAL n 
1 37 GLY n 
1 38 ARG n 
1 39 GLN n 
1 40 MSE n 
1 41 GLY n 
1 42 GLU n 
1 43 GLN n 
1 44 LEU n 
1 45 ALA n 
1 46 ALA n 
1 47 ASN n 
1 48 SER n 
1 49 PHE n 
1 50 GLU n 
1 51 GLY n 
1 52 ILE n 
1 53 ASP n 
1 54 ILE n 
1 55 PRO n 
1 56 ALA n 
1 57 VAL n 
1 58 GLN n 
1 59 ALA n 
1 60 GLY n 
1 61 LEU n 
1 62 ALA n 
1 63 ASP n 
1 64 ALA n 
1 65 PHE n 
1 66 ALA n 
1 67 GLY n 
1 68 LYS n 
1 69 GLU n 
1 70 SER n 
1 71 ALA n 
1 72 VAL n 
1 73 SER n 
1 74 MSE n 
1 75 GLU n 
1 76 GLU n 
1 77 LEU n 
1 78 GLN n 
1 79 VAL n 
1 80 ALA n 
1 81 PHE n 
1 82 THR n 
1 83 GLU n 
1 84 ILE n 
1 85 SER n 
1 86 ARG n 
1 87 ARG n 
1 88 LEU n 
# 
_entity_src_gen.entity_id                          1 
_entity_src_gen.pdbx_src_id                        1 
_entity_src_gen.pdbx_alt_source_flag               sample 
_entity_src_gen.pdbx_seq_type                      ? 
_entity_src_gen.pdbx_beg_seq_num                   ? 
_entity_src_gen.pdbx_end_seq_num                   ? 
_entity_src_gen.gene_src_common_name               ? 
_entity_src_gen.gene_src_genus                     ? 
_entity_src_gen.pdbx_gene_src_gene                 fklB 
_entity_src_gen.gene_src_species                   ? 
_entity_src_gen.gene_src_strain                    SIB1 
_entity_src_gen.gene_src_tissue                    ? 
_entity_src_gen.gene_src_tissue_fraction           ? 
_entity_src_gen.gene_src_details                   ? 
_entity_src_gen.pdbx_gene_src_fragment             ? 
_entity_src_gen.pdbx_gene_src_scientific_name      Shewanella 
_entity_src_gen.pdbx_gene_src_ncbi_taxonomy_id     117911 
_entity_src_gen.pdbx_gene_src_variant              ? 
_entity_src_gen.pdbx_gene_src_cell_line            ? 
_entity_src_gen.pdbx_gene_src_atcc                 ? 
_entity_src_gen.pdbx_gene_src_organ                ? 
_entity_src_gen.pdbx_gene_src_organelle            ? 
_entity_src_gen.pdbx_gene_src_cell                 ? 
_entity_src_gen.pdbx_gene_src_cellular_location    ? 
_entity_src_gen.host_org_common_name               ? 
_entity_src_gen.pdbx_host_org_scientific_name      'Escherichia coli' 
_entity_src_gen.pdbx_host_org_ncbi_taxonomy_id     562 
_entity_src_gen.host_org_genus                     ? 
_entity_src_gen.pdbx_host_org_gene                 ? 
_entity_src_gen.pdbx_host_org_organ                ? 
_entity_src_gen.host_org_species                   ? 
_entity_src_gen.pdbx_host_org_tissue               ? 
_entity_src_gen.pdbx_host_org_tissue_fraction      ? 
_entity_src_gen.pdbx_host_org_strain               'BL21(DE3)' 
_entity_src_gen.pdbx_host_org_variant              ? 
_entity_src_gen.pdbx_host_org_cell_line            ? 
_entity_src_gen.pdbx_host_org_atcc                 ? 
_entity_src_gen.pdbx_host_org_culture_collection   ? 
_entity_src_gen.pdbx_host_org_cell                 ? 
_entity_src_gen.pdbx_host_org_organelle            ? 
_entity_src_gen.pdbx_host_org_cellular_location    ? 
_entity_src_gen.pdbx_host_org_vector_type          Plasmid 
_entity_src_gen.pdbx_host_org_vector               ? 
_entity_src_gen.host_org_details                   ? 
_entity_src_gen.expression_system_id               ? 
_entity_src_gen.plasmid_name                       pET28a 
_entity_src_gen.plasmid_details                    ? 
_entity_src_gen.pdbx_description                   ? 
# 
loop_
_chem_comp.id 
_chem_comp.type 
_chem_comp.mon_nstd_flag 
_chem_comp.name 
_chem_comp.pdbx_synonyms 
_chem_comp.formula 
_chem_comp.formula_weight 
ALA 'L-peptide linking' y ALANINE          ? 'C3 H7 N O2'     89.093  
ARG 'L-peptide linking' y ARGININE         ? 'C6 H15 N4 O2 1' 175.209 
ASN 'L-peptide linking' y ASPARAGINE       ? 'C4 H8 N2 O3'    132.118 
ASP 'L-peptide linking' y 'ASPARTIC ACID'  ? 'C4 H7 N O4'     133.103 
GLN 'L-peptide linking' y GLUTAMINE        ? 'C5 H10 N2 O3'   146.144 
GLU 'L-peptide linking' y 'GLUTAMIC ACID'  ? 'C5 H9 N O4'     147.129 
GLY 'peptide linking'   y GLYCINE          ? 'C2 H5 N O2'     75.067  
HIS 'L-peptide linking' y HISTIDINE        ? 'C6 H10 N3 O2 1' 156.162 
HOH non-polymer         . WATER            ? 'H2 O'           18.015  
ILE 'L-peptide linking' y ISOLEUCINE       ? 'C6 H13 N O2'    131.173 
LEU 'L-peptide linking' y LEUCINE          ? 'C6 H13 N O2'    131.173 
LYS 'L-peptide linking' y LYSINE           ? 'C6 H15 N2 O2 1' 147.195 
MSE 'L-peptide linking' n SELENOMETHIONINE ? 'C5 H11 N O2 Se' 196.106 
PHE 'L-peptide linking' y PHENYLALANINE    ? 'C9 H11 N O2'    165.189 
PRO 'L-peptide linking' y PROLINE          ? 'C5 H9 N O2'     115.130 
SER 'L-peptide linking' y SERINE           ? 'C3 H7 N O3'     105.093 
THR 'L-peptide linking' y THREONINE        ? 'C4 H9 N O3'     119.119 
TYR 'L-peptide linking' y TYROSINE         ? 'C9 H11 N O3'    181.189 
VAL 'L-peptide linking' y VALINE           ? 'C5 H11 N O2'    117.146 
# 
loop_
_pdbx_poly_seq_scheme.asym_id 
_pdbx_poly_seq_scheme.entity_id 
_pdbx_poly_seq_scheme.seq_id 
_pdbx_poly_seq_scheme.mon_id 
_pdbx_poly_seq_scheme.ndb_seq_num 
_pdbx_poly_seq_scheme.pdb_seq_num 
_pdbx_poly_seq_scheme.auth_seq_num 
_pdbx_poly_seq_scheme.pdb_mon_id 
_pdbx_poly_seq_scheme.auth_mon_id 
_pdbx_poly_seq_scheme.pdb_strand_id 
_pdbx_poly_seq_scheme.pdb_ins_code 
_pdbx_poly_seq_scheme.hetero 
A 1 1  MSE 1  -19 ?  ?   ?   A . n 
A 1 2  GLY 2  -18 ?  ?   ?   A . n 
A 1 3  SER 3  -17 ?  ?   ?   A . n 
A 1 4  SER 4  -16 ?  ?   ?   A . n 
A 1 5  HIS 5  -15 ?  ?   ?   A . n 
A 1 6  HIS 6  -14 ?  ?   ?   A . n 
A 1 7  HIS 7  -13 ?  ?   ?   A . n 
A 1 8  HIS 8  -12 ?  ?   ?   A . n 
A 1 9  HIS 9  -11 ?  ?   ?   A . n 
A 1 10 HIS 10 -10 ?  ?   ?   A . n 
A 1 11 SER 11 -9  ?  ?   ?   A . n 
A 1 12 SER 12 -8  ?  ?   ?   A . n 
A 1 13 GLY 13 -7  ?  ?   ?   A . n 
A 1 14 LEU 14 -6  ?  ?   ?   A . n 
A 1 15 VAL 15 -5  ?  ?   ?   A . n 
A 1 16 PRO 16 -4  ?  ?   ?   A . n 
A 1 17 ARG 17 -3  ?  ?   ?   A . n 
A 1 18 GLY 18 -2  ?  ?   ?   A . n 
A 1 19 SER 19 -1  ?  ?   ?   A . n 
A 1 20 HIS 20 0   ?  ?   ?   A . n 
A 1 21 MSE 21 1   ?  ?   ?   A . n 
A 1 22 SER 22 2   ?  ?   ?   A . n 
A 1 23 ASP 23 3   3  ASP ASP A . n 
A 1 24 LEU 24 4   4  LEU LEU A . n 
A 1 25 PHE 25 5   5  PHE PHE A . n 
A 1 26 SER 26 6   6  SER SER A . n 
A 1 27 THR 27 7   7  THR THR A . n 
A 1 28 MSE 28 8   8  MSE MSE A . n 
A 1 29 GLU 29 9   9  GLU GLU A . n 
A 1 30 GLN 30 10  10 GLN GLN A . n 
A 1 31 HIS 31 11  11 HIS HIS A . n 
A 1 32 ALA 32 12  12 ALA ALA A . n 
A 1 33 SER 33 13  13 SER SER A . n 
A 1 34 TYR 34 14  14 TYR TYR A . n 
A 1 35 GLY 35 15  15 GLY GLY A . n 
A 1 36 VAL 36 16  16 VAL VAL A . n 
A 1 37 GLY 37 17  17 GLY GLY A . n 
A 1 38 ARG 38 18  18 ARG ARG A . n 
A 1 39 GLN 39 19  19 GLN GLN A . n 
A 1 40 MSE 40 20  20 MSE MSE A . n 
A 1 41 GLY 41 21  21 GLY GLY A . n 
A 1 42 GLU 42 22  22 GLU GLU A . n 
A 1 43 GLN 43 23  23 GLN GLN A . n 
A 1 44 LEU 44 24  24 LEU LEU A . n 
A 1 45 ALA 45 25  25 ALA ALA A . n 
A 1 46 ALA 46 26  26 ALA ALA A . n 
A 1 47 ASN 47 27  27 ASN ASN A . n 
A 1 48 SER 48 28  28 SER SER A . n 
A 1 49 PHE 49 29  29 PHE PHE A . n 
A 1 50 GLU 50 30  30 GLU GLU A . n 
A 1 51 GLY 51 31  31 GLY GLY A . n 
A 1 52 ILE 52 32  32 ILE ILE A . n 
A 1 53 ASP 53 33  33 ASP ASP A . n 
A 1 54 ILE 54 34  34 ILE ILE A . n 
A 1 55 PRO 55 35  35 PRO PRO A . n 
A 1 56 ALA 56 36  36 ALA ALA A . n 
A 1 57 VAL 57 37  37 VAL VAL A . n 
A 1 58 GLN 58 38  38 GLN GLN A . n 
A 1 59 ALA 59 39  39 ALA ALA A . n 
A 1 60 GLY 60 40  40 GLY GLY A . n 
A 1 61 LEU 61 41  41 LEU LEU A . n 
A 1 62 ALA 62 42  42 ALA ALA A . n 
A 1 63 ASP 63 43  43 ASP ASP A . n 
A 1 64 ALA 64 44  44 ALA ALA A . n 
A 1 65 PHE 65 45  45 PHE PHE A . n 
A 1 66 ALA 66 46  46 ALA ALA A . n 
A 1 67 GLY 67 47  47 GLY GLY A . n 
A 1 68 LYS 68 48  48 LYS LYS A . n 
A 1 69 GLU 69 49  49 GLU GLU A . n 
A 1 70 SER 70 50  50 SER SER A . n 
A 1 71 ALA 71 51  51 ALA ALA A . n 
A 1 72 VAL 72 52  52 VAL VAL A . n 
A 1 73 SER 73 53  53 SER SER A . n 
A 1 74 MSE 74 54  54 MSE MSE A . n 
A 1 75 GLU 75 55  55 GLU GLU A . n 
A 1 76 GLU 76 56  56 GLU GLU A . n 
A 1 77 LEU 77 57  57 LEU LEU A . n 
A 1 78 GLN 78 58  58 GLN GLN A . n 
A 1 79 VAL 79 59  59 VAL VAL A . n 
A 1 80 ALA 80 60  60 ALA ALA A . n 
A 1 81 PHE 81 61  61 PHE PHE A . n 
A 1 82 THR 82 62  62 THR THR A . n 
A 1 83 GLU 83 63  63 GLU GLU A . n 
A 1 84 ILE 84 64  64 ILE ILE A . n 
A 1 85 SER 85 65  65 SER SER A . n 
A 1 86 ARG 86 66  66 ARG ARG A . n 
A 1 87 ARG 87 67  67 ARG ARG A . n 
A 1 88 LEU 88 68  ?  ?   ?   A . n 
# 
loop_
_pdbx_nonpoly_scheme.asym_id 
_pdbx_nonpoly_scheme.entity_id 
_pdbx_nonpoly_scheme.mon_id 
_pdbx_nonpoly_scheme.ndb_seq_num 
_pdbx_nonpoly_scheme.pdb_seq_num 
_pdbx_nonpoly_scheme.auth_seq_num 
_pdbx_nonpoly_scheme.pdb_mon_id 
_pdbx_nonpoly_scheme.auth_mon_id 
_pdbx_nonpoly_scheme.pdb_strand_id 
_pdbx_nonpoly_scheme.pdb_ins_code 
B 2 HOH 1  69 1  HOH HOH A . 
B 2 HOH 2  70 2  HOH HOH A . 
B 2 HOH 3  71 3  HOH HOH A . 
B 2 HOH 4  72 6  HOH HOH A . 
B 2 HOH 5  73 8  HOH HOH A . 
B 2 HOH 6  74 9  HOH HOH A . 
B 2 HOH 7  75 10 HOH HOH A . 
B 2 HOH 8  76 13 HOH HOH A . 
B 2 HOH 9  77 14 HOH HOH A . 
B 2 HOH 10 78 15 HOH HOH A . 
B 2 HOH 11 79 16 HOH HOH A . 
B 2 HOH 12 80 17 HOH HOH A . 
B 2 HOH 13 81 21 HOH HOH A . 
B 2 HOH 14 82 22 HOH HOH A . 
B 2 HOH 15 83 23 HOH HOH A . 
B 2 HOH 16 84 24 HOH HOH A . 
B 2 HOH 17 85 25 HOH HOH A . 
B 2 HOH 18 86 26 HOH HOH A . 
B 2 HOH 19 87 27 HOH HOH A . 
B 2 HOH 20 88 28 HOH HOH A . 
B 2 HOH 21 89 29 HOH HOH A . 
B 2 HOH 22 90 30 HOH HOH A . 
B 2 HOH 23 91 31 HOH HOH A . 
B 2 HOH 24 92 34 HOH HOH A . 
B 2 HOH 25 93 35 HOH HOH A . 
B 2 HOH 26 94 36 HOH HOH A . 
B 2 HOH 27 95 37 HOH HOH A . 
B 2 HOH 28 96 39 HOH HOH A . 
# 
loop_
_pdbx_unobs_or_zero_occ_atoms.id 
_pdbx_unobs_or_zero_occ_atoms.PDB_model_num 
_pdbx_unobs_or_zero_occ_atoms.polymer_flag 
_pdbx_unobs_or_zero_occ_atoms.occupancy_flag 
_pdbx_unobs_or_zero_occ_atoms.auth_asym_id 
_pdbx_unobs_or_zero_occ_atoms.auth_comp_id 
_pdbx_unobs_or_zero_occ_atoms.auth_seq_id 
_pdbx_unobs_or_zero_occ_atoms.PDB_ins_code 
_pdbx_unobs_or_zero_occ_atoms.auth_atom_id 
_pdbx_unobs_or_zero_occ_atoms.label_alt_id 
_pdbx_unobs_or_zero_occ_atoms.label_asym_id 
_pdbx_unobs_or_zero_occ_atoms.label_comp_id 
_pdbx_unobs_or_zero_occ_atoms.label_seq_id 
_pdbx_unobs_or_zero_occ_atoms.label_atom_id 
1 1 Y 0 A GLU 49 ? CD  ? A GLU 69 CD  
2 1 Y 0 A GLU 49 ? OE1 ? A GLU 69 OE1 
3 1 Y 0 A GLU 49 ? OE2 ? A GLU 69 OE2 
# 
loop_
_software.name 
_software.classification 
_software.version 
_software.citation_id 
_software.pdbx_ordinal 
BL44     'data collection' BSS      ? 1 
SHELXS   phasing           .        ? 2 
REFMAC   refinement        5.5.0109 ? 3 
HKL-2000 'data reduction'  .        ? 4 
HKL-2000 'data scaling'    .        ? 5 
# 
_cell.entry_id           3B09 
_cell.length_a           39.703 
_cell.length_b           39.703 
_cell.length_c           101.600 
_cell.angle_alpha        90.00 
_cell.angle_beta         90.00 
_cell.angle_gamma        120.00 
_cell.Z_PDB              6 
_cell.pdbx_unique_axis   ? 
_cell.length_a_esd       ? 
_cell.length_b_esd       ? 
_cell.length_c_esd       ? 
_cell.angle_alpha_esd    ? 
_cell.angle_beta_esd     ? 
_cell.angle_gamma_esd    ? 
# 
_symmetry.entry_id                         3B09 
_symmetry.space_group_name_H-M             'P 32 2 1' 
_symmetry.pdbx_full_space_group_name_H-M   ? 
_symmetry.cell_setting                     ? 
_symmetry.Int_Tables_number                154 
_symmetry.space_group_name_Hall            ? 
# 
_exptl.entry_id          3B09 
_exptl.method            'X-RAY DIFFRACTION' 
_exptl.crystals_number   1 
# 
_exptl_crystal.id                    1 
_exptl_crystal.density_meas          ? 
_exptl_crystal.density_Matthews      2.38 
_exptl_crystal.density_percent_sol   48.35 
_exptl_crystal.description           ? 
_exptl_crystal.F_000                 ? 
_exptl_crystal.preparation           ? 
# 
_exptl_crystal_grow.crystal_id      1 
_exptl_crystal_grow.method          'VAPOR DIFFUSION, SITTING DROP' 
_exptl_crystal_grow.temp            277 
_exptl_crystal_grow.temp_details    ? 
_exptl_crystal_grow.pH              6.2 
_exptl_crystal_grow.pdbx_details    
'0.1M Na/K Phosphate, 20% PEG 1000, 0.2 M NaCl, pH 6.2, VAPOR DIFFUSION, SITTING DROP, temperature 277K' 
_exptl_crystal_grow.pdbx_pH_range   . 
# 
_diffrn.id                     1 
_diffrn.ambient_temp           100 
_diffrn.ambient_temp_details   ? 
_diffrn.crystal_id             1 
# 
_diffrn_detector.diffrn_id              1 
_diffrn_detector.detector               CCD 
_diffrn_detector.type                   'MARMOSAIC 225 mm CCD' 
_diffrn_detector.pdbx_collection_date   2010-07-15 
_diffrn_detector.details                mirrors 
# 
_diffrn_radiation.diffrn_id                        1 
_diffrn_radiation.wavelength_id                    1 
_diffrn_radiation.pdbx_monochromatic_or_laue_m_l   M 
_diffrn_radiation.monochromator                    mirrors 
_diffrn_radiation.pdbx_diffrn_protocol             MAD 
_diffrn_radiation.pdbx_scattering_type             x-ray 
# 
loop_
_diffrn_radiation_wavelength.id 
_diffrn_radiation_wavelength.wavelength 
_diffrn_radiation_wavelength.wt 
1 0.97888 1.0 
2 0.97919 1.0 
3 0.96500 1.0 
# 
_diffrn_source.diffrn_id                   1 
_diffrn_source.source                      SYNCHROTRON 
_diffrn_source.type                        'SPRING-8 BEAMLINE BL44B2' 
_diffrn_source.pdbx_synchrotron_site       SPring-8 
_diffrn_source.pdbx_synchrotron_beamline   BL44B2 
_diffrn_source.pdbx_wavelength             ? 
_diffrn_source.pdbx_wavelength_list        '0.97888, 0.97919, 0.96500' 
# 
_reflns.entry_id                     3B09 
_reflns.observed_criterion_sigma_I   5.0 
_reflns.observed_criterion_sigma_F   5.0 
_reflns.d_resolution_low             50.0 
_reflns.d_resolution_high            1.9 
_reflns.number_obs                   7712 
_reflns.number_all                   ? 
_reflns.percent_possible_obs         98.3 
_reflns.pdbx_Rmerge_I_obs            0.114 
_reflns.pdbx_Rsym_value              0.119 
_reflns.pdbx_netI_over_sigmaI        18.2 
_reflns.B_iso_Wilson_estimate        ? 
_reflns.pdbx_redundancy              5.4 
_reflns.R_free_details               ? 
_reflns.limit_h_max                  ? 
_reflns.limit_h_min                  ? 
_reflns.limit_k_max                  ? 
_reflns.limit_k_min                  ? 
_reflns.limit_l_max                  ? 
_reflns.limit_l_min                  ? 
_reflns.observed_criterion_F_max     ? 
_reflns.observed_criterion_F_min     ? 
_reflns.pdbx_chi_squared             ? 
_reflns.pdbx_scaling_rejects         ? 
_reflns.pdbx_ordinal                 1 
_reflns.pdbx_diffrn_id               1 
# 
_reflns_shell.d_res_high                  1.90 
_reflns_shell.d_res_low                   1.93 
_reflns_shell.percent_possible_all        100 
_reflns_shell.Rmerge_I_obs                0.423 
_reflns_shell.pdbx_Rsym_value             0.398 
_reflns_shell.meanI_over_sigI_obs         2.6 
_reflns_shell.pdbx_redundancy             5.3 
_reflns_shell.percent_possible_obs        ? 
_reflns_shell.number_unique_all           364 
_reflns_shell.number_measured_all         ? 
_reflns_shell.number_measured_obs         ? 
_reflns_shell.number_unique_obs           ? 
_reflns_shell.pdbx_chi_squared            ? 
_reflns_shell.pdbx_rejects                ? 
_reflns_shell.pdbx_netI_over_sigmaI_obs   ? 
_reflns_shell.number_possible             ? 
_reflns_shell.Rmerge_F_all                ? 
_reflns_shell.Rmerge_F_obs                ? 
_reflns_shell.Rmerge_I_all                ? 
_reflns_shell.meanI_over_sigI_all         ? 
_reflns_shell.pdbx_Rrim_I_all             ? 
_reflns_shell.pdbx_Rpim_I_all             ? 
_reflns_shell.pdbx_ordinal                1 
_reflns_shell.pdbx_diffrn_id              1 
# 
_refine.entry_id                                 3B09 
_refine.ls_number_reflns_obs                     7299 
_refine.ls_number_reflns_all                     ? 
_refine.pdbx_ls_sigma_I                          ? 
_refine.pdbx_ls_sigma_F                          ? 
_refine.pdbx_data_cutoff_high_absF               ? 
_refine.pdbx_data_cutoff_low_absF                ? 
_refine.pdbx_data_cutoff_high_rms_absF           ? 
_refine.ls_d_res_low                             34.38 
_refine.ls_d_res_high                            1.90 
_refine.ls_percent_reflns_obs                    97.95 
_refine.ls_R_factor_obs                          0.23386 
_refine.ls_R_factor_all                          ? 
_refine.ls_R_factor_R_work                       0.23179 
_refine.ls_R_factor_R_free                       0.27597 
_refine.ls_R_factor_R_free_error                 ? 
_refine.ls_R_factor_R_free_error_details         ? 
_refine.ls_percent_reflns_R_free                 4.6 
_refine.ls_number_reflns_R_free                  353 
_refine.ls_number_parameters                     ? 
_refine.ls_number_restraints                     ? 
_refine.occupancy_min                            ? 
_refine.occupancy_max                            ? 
_refine.correlation_coeff_Fo_to_Fc               0.927 
_refine.correlation_coeff_Fo_to_Fc_free          0.890 
_refine.B_iso_mean                               30.920 
_refine.aniso_B[1][1]                            1.03 
_refine.aniso_B[2][2]                            1.03 
_refine.aniso_B[3][3]                            -1.54 
_refine.aniso_B[1][2]                            0.51 
_refine.aniso_B[1][3]                            0.00 
_refine.aniso_B[2][3]                            0.00 
_refine.solvent_model_details                    MASK 
_refine.solvent_model_param_ksol                 ? 
_refine.solvent_model_param_bsol                 ? 
_refine.pdbx_solvent_vdw_probe_radii             1.40 
_refine.pdbx_solvent_ion_probe_radii             0.80 
_refine.pdbx_solvent_shrinkage_radii             0.80 
_refine.pdbx_ls_cross_valid_method               THROUGHOUT 
_refine.details                                  'HYDROGENS HAVE BEEN ADDED IN THE RIDING POSITIONS' 
_refine.pdbx_starting_model                      ? 
_refine.pdbx_method_to_determine_struct          MAD 
_refine.pdbx_isotropic_thermal_model             ? 
_refine.pdbx_stereochemistry_target_values       'MAXIMUM LIKELIHOOD' 
_refine.pdbx_stereochem_target_val_spec_case     ? 
_refine.pdbx_R_Free_selection_details            RANDOM 
_refine.pdbx_overall_ESU_R_Free                  0.143 
_refine.overall_SU_ML                            0.091 
_refine.pdbx_overall_phase_error                 ? 
_refine.overall_SU_B                             2.996 
_refine.overall_SU_R_Cruickshank_DPI             ? 
_refine.ls_redundancy_reflns_obs                 ? 
_refine.B_iso_min                                ? 
_refine.B_iso_max                                ? 
_refine.overall_SU_R_free                        ? 
_refine.ls_wR_factor_R_free                      ? 
_refine.ls_wR_factor_R_work                      ? 
_refine.overall_FOM_free_R_set                   ? 
_refine.overall_FOM_work_R_set                   ? 
_refine.pdbx_diffrn_id                           1 
_refine.pdbx_refine_id                           'X-RAY DIFFRACTION' 
_refine.pdbx_overall_ESU_R                       ? 
_refine.pdbx_TLS_residual_ADP_flag               ? 
_refine.pdbx_overall_SU_R_free_Cruickshank_DPI   ? 
_refine.pdbx_overall_SU_R_Blow_DPI               ? 
_refine.pdbx_overall_SU_R_free_Blow_DPI          ? 
# 
_refine_hist.pdbx_refine_id                   'X-RAY DIFFRACTION' 
_refine_hist.cycle_id                         LAST 
_refine_hist.pdbx_number_atoms_protein        487 
_refine_hist.pdbx_number_atoms_nucleic_acid   0 
_refine_hist.pdbx_number_atoms_ligand         0 
_refine_hist.number_atoms_solvent             28 
_refine_hist.number_atoms_total               515 
_refine_hist.d_res_high                       1.90 
_refine_hist.d_res_low                        34.38 
# 
loop_
_refine_ls_restr.type 
_refine_ls_restr.dev_ideal 
_refine_ls_restr.dev_ideal_target 
_refine_ls_restr.weight 
_refine_ls_restr.number 
_refine_ls_restr.pdbx_restraint_function 
_refine_ls_restr.pdbx_refine_id 
r_bond_refined_d       0.008  0.022  ? 497 ? 'X-RAY DIFFRACTION' 
r_angle_refined_deg    1.015  1.939  ? 669 ? 'X-RAY DIFFRACTION' 
r_dihedral_angle_1_deg 7.448  5.000  ? 66  ? 'X-RAY DIFFRACTION' 
r_dihedral_angle_2_deg 42.833 25.200 ? 25  ? 'X-RAY DIFFRACTION' 
r_dihedral_angle_3_deg 20.107 15.000 ? 83  ? 'X-RAY DIFFRACTION' 
r_dihedral_angle_4_deg 14.891 15.000 ? 3   ? 'X-RAY DIFFRACTION' 
r_chiral_restr         0.082  0.200  ? 73  ? 'X-RAY DIFFRACTION' 
r_gen_planes_refined   0.019  0.020  ? 385 ? 'X-RAY DIFFRACTION' 
r_mcbond_it            2.182  1.500  ? 322 ? 'X-RAY DIFFRACTION' 
r_mcangle_it           3.868  2.000  ? 507 ? 'X-RAY DIFFRACTION' 
r_scbond_it            6.682  3.000  ? 175 ? 'X-RAY DIFFRACTION' 
r_scangle_it           10.069 4.500  ? 161 ? 'X-RAY DIFFRACTION' 
# 
_refine_ls_shell.pdbx_refine_id                   'X-RAY DIFFRACTION' 
_refine_ls_shell.pdbx_total_number_of_bins_used   20 
_refine_ls_shell.d_res_high                       1.899 
_refine_ls_shell.d_res_low                        1.948 
_refine_ls_shell.number_reflns_R_work             521 
_refine_ls_shell.R_factor_R_work                  0.278 
_refine_ls_shell.percent_reflns_obs               99.27 
_refine_ls_shell.R_factor_R_free                  0.288 
_refine_ls_shell.R_factor_R_free_error            ? 
_refine_ls_shell.percent_reflns_R_free            ? 
_refine_ls_shell.number_reflns_R_free             26 
_refine_ls_shell.number_reflns_all                ? 
_refine_ls_shell.R_factor_all                     ? 
_refine_ls_shell.number_reflns_obs                ? 
_refine_ls_shell.redundancy_reflns_obs            ? 
# 
_struct.entry_id                  3B09 
_struct.title                     'Crystal structure of the N-domain of FKBP22 from Shewanella sp. SIB1' 
_struct.pdbx_model_details        ? 
_struct.pdbx_CASP_flag            ? 
_struct.pdbx_model_type_details   ? 
# 
_struct_keywords.entry_id        3B09 
_struct_keywords.pdbx_keywords   CHAPERONE 
_struct_keywords.text            'Val-Leu zipper, helices, Chaperone' 
# 
loop_
_struct_asym.id 
_struct_asym.pdbx_blank_PDB_chainid_flag 
_struct_asym.pdbx_modified 
_struct_asym.entity_id 
_struct_asym.details 
A N N 1 ? 
B N N 2 ? 
# 
_struct_ref.id                         1 
_struct_ref.db_name                    UNP 
_struct_ref.db_code                    Q765B0_9GAMM 
_struct_ref.pdbx_db_accession          Q765B0 
_struct_ref.entity_id                  1 
_struct_ref.pdbx_seq_one_letter_code   MSDLFSTMEQHASYGVGRQMGEQLAANSFEGIDIPAVQAGLADAFAGKESAVSMEELQVAFTEISRRL 
_struct_ref.pdbx_align_begin           1 
_struct_ref.pdbx_db_isoform            ? 
# 
_struct_ref_seq.align_id                      1 
_struct_ref_seq.ref_id                        1 
_struct_ref_seq.pdbx_PDB_id_code              3B09 
_struct_ref_seq.pdbx_strand_id                A 
_struct_ref_seq.seq_align_beg                 21 
_struct_ref_seq.pdbx_seq_align_beg_ins_code   ? 
_struct_ref_seq.seq_align_end                 88 
_struct_ref_seq.pdbx_seq_align_end_ins_code   ? 
_struct_ref_seq.pdbx_db_accession             Q765B0 
_struct_ref_seq.db_align_beg                  1 
_struct_ref_seq.pdbx_db_align_beg_ins_code    ? 
_struct_ref_seq.db_align_end                  68 
_struct_ref_seq.pdbx_db_align_end_ins_code    ? 
_struct_ref_seq.pdbx_auth_seq_align_beg       1 
_struct_ref_seq.pdbx_auth_seq_align_end       68 
# 
loop_
_struct_ref_seq_dif.align_id 
_struct_ref_seq_dif.pdbx_pdb_id_code 
_struct_ref_seq_dif.mon_id 
_struct_ref_seq_dif.pdbx_pdb_strand_id 
_struct_ref_seq_dif.seq_num 
_struct_ref_seq_dif.pdbx_pdb_ins_code 
_struct_ref_seq_dif.pdbx_seq_db_name 
_struct_ref_seq_dif.pdbx_seq_db_accession_code 
_struct_ref_seq_dif.db_mon_id 
_struct_ref_seq_dif.pdbx_seq_db_seq_num 
_struct_ref_seq_dif.details 
_struct_ref_seq_dif.pdbx_auth_seq_num 
_struct_ref_seq_dif.pdbx_ordinal 
1 3B09 MSE A 1  ? UNP Q765B0 ? ? 'expression tag' -19 1  
1 3B09 GLY A 2  ? UNP Q765B0 ? ? 'expression tag' -18 2  
1 3B09 SER A 3  ? UNP Q765B0 ? ? 'expression tag' -17 3  
1 3B09 SER A 4  ? UNP Q765B0 ? ? 'expression tag' -16 4  
1 3B09 HIS A 5  ? UNP Q765B0 ? ? 'expression tag' -15 5  
1 3B09 HIS A 6  ? UNP Q765B0 ? ? 'expression tag' -14 6  
1 3B09 HIS A 7  ? UNP Q765B0 ? ? 'expression tag' -13 7  
1 3B09 HIS A 8  ? UNP Q765B0 ? ? 'expression tag' -12 8  
1 3B09 HIS A 9  ? UNP Q765B0 ? ? 'expression tag' -11 9  
1 3B09 HIS A 10 ? UNP Q765B0 ? ? 'expression tag' -10 10 
1 3B09 SER A 11 ? UNP Q765B0 ? ? 'expression tag' -9  11 
1 3B09 SER A 12 ? UNP Q765B0 ? ? 'expression tag' -8  12 
1 3B09 GLY A 13 ? UNP Q765B0 ? ? 'expression tag' -7  13 
1 3B09 LEU A 14 ? UNP Q765B0 ? ? 'expression tag' -6  14 
1 3B09 VAL A 15 ? UNP Q765B0 ? ? 'expression tag' -5  15 
1 3B09 PRO A 16 ? UNP Q765B0 ? ? 'expression tag' -4  16 
1 3B09 ARG A 17 ? UNP Q765B0 ? ? 'expression tag' -3  17 
1 3B09 GLY A 18 ? UNP Q765B0 ? ? 'expression tag' -2  18 
1 3B09 SER A 19 ? UNP Q765B0 ? ? 'expression tag' -1  19 
1 3B09 HIS A 20 ? UNP Q765B0 ? ? 'expression tag' 0   20 
# 
_pdbx_struct_assembly.id                   1 
_pdbx_struct_assembly.details              author_and_software_defined_assembly 
_pdbx_struct_assembly.method_details       PISA 
_pdbx_struct_assembly.oligomeric_details   dimeric 
_pdbx_struct_assembly.oligomeric_count     2 
# 
loop_
_pdbx_struct_assembly_prop.biol_id 
_pdbx_struct_assembly_prop.type 
_pdbx_struct_assembly_prop.value 
_pdbx_struct_assembly_prop.details 
1 'ABSA (A^2)' 4120 ? 
1 MORE         -45  ? 
1 'SSA (A^2)'  8070 ? 
# 
_pdbx_struct_assembly_gen.assembly_id       1 
_pdbx_struct_assembly_gen.oper_expression   1,2 
_pdbx_struct_assembly_gen.asym_id_list      A,B 
# 
loop_
_pdbx_struct_oper_list.id 
_pdbx_struct_oper_list.type 
_pdbx_struct_oper_list.name 
_pdbx_struct_oper_list.symmetry_operation 
_pdbx_struct_oper_list.matrix[1][1] 
_pdbx_struct_oper_list.matrix[1][2] 
_pdbx_struct_oper_list.matrix[1][3] 
_pdbx_struct_oper_list.vector[1] 
_pdbx_struct_oper_list.matrix[2][1] 
_pdbx_struct_oper_list.matrix[2][2] 
_pdbx_struct_oper_list.matrix[2][3] 
_pdbx_struct_oper_list.vector[2] 
_pdbx_struct_oper_list.matrix[3][1] 
_pdbx_struct_oper_list.matrix[3][2] 
_pdbx_struct_oper_list.matrix[3][3] 
_pdbx_struct_oper_list.vector[3] 
1 'identity operation'         1_555 x,y,z         1.0000000000  0.0000000000 0.0000000000 0.0000000000 0.0000000000 1.0000000000  0.0000000000 0.0000000000  0.0000000000 0.0000000000 1.0000000000  0.0000000000  
2 'crystal symmetry operation' 5_555 x-y,-y,-z+1/3 -0.1304425031 0.9296094321 0.3446897984 3.9091236441 0.9296094321 -0.0061914257 0.3684941926 -1.6694675671 0.3446897984 0.3684941926 -0.8633660712 -5.3591808718 
# 
_struct_biol.id        1 
_struct_biol.details   ? 
# 
loop_
_struct_conf.conf_type_id 
_struct_conf.id 
_struct_conf.pdbx_PDB_helix_id 
_struct_conf.beg_label_comp_id 
_struct_conf.beg_label_asym_id 
_struct_conf.beg_label_seq_id 
_struct_conf.pdbx_beg_PDB_ins_code 
_struct_conf.end_label_comp_id 
_struct_conf.end_label_asym_id 
_struct_conf.end_label_seq_id 
_struct_conf.pdbx_end_PDB_ins_code 
_struct_conf.beg_auth_comp_id 
_struct_conf.beg_auth_asym_id 
_struct_conf.beg_auth_seq_id 
_struct_conf.end_auth_comp_id 
_struct_conf.end_auth_asym_id 
_struct_conf.end_auth_seq_id 
_struct_conf.pdbx_PDB_helix_class 
_struct_conf.details 
_struct_conf.pdbx_PDB_helix_length 
HELX_P HELX_P1 1 SER A 26 ? ASN A 47 ? SER A 6  ASN A 27 1 ? 22 
HELX_P HELX_P2 2 ASP A 53 ? ALA A 66 ? ASP A 33 ALA A 46 1 ? 14 
HELX_P HELX_P3 3 SER A 73 ? ARG A 86 ? SER A 53 ARG A 66 1 ? 14 
# 
_struct_conf_type.id          HELX_P 
_struct_conf_type.criteria    ? 
_struct_conf_type.reference   ? 
# 
loop_
_struct_conn.id 
_struct_conn.conn_type_id 
_struct_conn.pdbx_leaving_atom_flag 
_struct_conn.pdbx_PDB_id 
_struct_conn.ptnr1_label_asym_id 
_struct_conn.ptnr1_label_comp_id 
_struct_conn.ptnr1_label_seq_id 
_struct_conn.ptnr1_label_atom_id 
_struct_conn.pdbx_ptnr1_label_alt_id 
_struct_conn.pdbx_ptnr1_PDB_ins_code 
_struct_conn.pdbx_ptnr1_standard_comp_id 
_struct_conn.ptnr1_symmetry 
_struct_conn.ptnr2_label_asym_id 
_struct_conn.ptnr2_label_comp_id 
_struct_conn.ptnr2_label_seq_id 
_struct_conn.ptnr2_label_atom_id 
_struct_conn.pdbx_ptnr2_label_alt_id 
_struct_conn.pdbx_ptnr2_PDB_ins_code 
_struct_conn.ptnr1_auth_asym_id 
_struct_conn.ptnr1_auth_comp_id 
_struct_conn.ptnr1_auth_seq_id 
_struct_conn.ptnr2_auth_asym_id 
_struct_conn.ptnr2_auth_comp_id 
_struct_conn.ptnr2_auth_seq_id 
_struct_conn.ptnr2_symmetry 
_struct_conn.pdbx_ptnr3_label_atom_id 
_struct_conn.pdbx_ptnr3_label_seq_id 
_struct_conn.pdbx_ptnr3_label_comp_id 
_struct_conn.pdbx_ptnr3_label_asym_id 
_struct_conn.pdbx_ptnr3_label_alt_id 
_struct_conn.pdbx_ptnr3_PDB_ins_code 
_struct_conn.details 
_struct_conn.pdbx_dist_value 
_struct_conn.pdbx_value_order 
_struct_conn.pdbx_role 
covale1 covale both ? A THR 27 C ? ? ? 1_555 A MSE 28 N ? ? A THR 7  A MSE 8  1_555 ? ? ? ? ? ? ? 1.332 ? ? 
covale2 covale both ? A MSE 28 C ? ? ? 1_555 A GLU 29 N ? ? A MSE 8  A GLU 9  1_555 ? ? ? ? ? ? ? 1.328 ? ? 
covale3 covale both ? A GLN 39 C ? ? ? 1_555 A MSE 40 N ? ? A GLN 19 A MSE 20 1_555 ? ? ? ? ? ? ? 1.326 ? ? 
covale4 covale both ? A MSE 40 C ? ? ? 1_555 A GLY 41 N ? ? A MSE 20 A GLY 21 1_555 ? ? ? ? ? ? ? 1.331 ? ? 
covale5 covale both ? A SER 73 C ? ? ? 1_555 A MSE 74 N ? ? A SER 53 A MSE 54 1_555 ? ? ? ? ? ? ? 1.327 ? ? 
covale6 covale both ? A MSE 74 C ? ? ? 1_555 A GLU 75 N ? ? A MSE 54 A GLU 55 1_555 ? ? ? ? ? ? ? 1.330 ? ? 
# 
_struct_conn_type.id          covale 
_struct_conn_type.criteria    ? 
_struct_conn_type.reference   ? 
# 
loop_
_pdbx_modification_feature.ordinal 
_pdbx_modification_feature.label_comp_id 
_pdbx_modification_feature.label_asym_id 
_pdbx_modification_feature.label_seq_id 
_pdbx_modification_feature.label_alt_id 
_pdbx_modification_feature.modified_residue_label_comp_id 
_pdbx_modification_feature.modified_residue_label_asym_id 
_pdbx_modification_feature.modified_residue_label_seq_id 
_pdbx_modification_feature.modified_residue_label_alt_id 
_pdbx_modification_feature.auth_comp_id 
_pdbx_modification_feature.auth_asym_id 
_pdbx_modification_feature.auth_seq_id 
_pdbx_modification_feature.PDB_ins_code 
_pdbx_modification_feature.symmetry 
_pdbx_modification_feature.modified_residue_auth_comp_id 
_pdbx_modification_feature.modified_residue_auth_asym_id 
_pdbx_modification_feature.modified_residue_auth_seq_id 
_pdbx_modification_feature.modified_residue_PDB_ins_code 
_pdbx_modification_feature.modified_residue_symmetry 
_pdbx_modification_feature.comp_id_linking_atom 
_pdbx_modification_feature.modified_residue_id_linking_atom 
_pdbx_modification_feature.modified_residue_id 
_pdbx_modification_feature.ref_pcm_id 
_pdbx_modification_feature.ref_comp_id 
_pdbx_modification_feature.type 
_pdbx_modification_feature.category 
1 MSE A 28 ? . . . . MSE A 8  ? 1_555 . . . . . . . MET 1 MSE Selenomethionine 'Named protein modification' 
2 MSE A 40 ? . . . . MSE A 20 ? 1_555 . . . . . . . MET 1 MSE Selenomethionine 'Named protein modification' 
3 MSE A 74 ? . . . . MSE A 54 ? 1_555 . . . . . . . MET 1 MSE Selenomethionine 'Named protein modification' 
# 
_pdbx_entry_details.entry_id                   3B09 
_pdbx_entry_details.compound_details           ? 
_pdbx_entry_details.source_details             ? 
_pdbx_entry_details.nonpolymer_details         ? 
_pdbx_entry_details.sequence_details           ? 
_pdbx_entry_details.has_ligand_of_interest     ? 
_pdbx_entry_details.has_protein_modification   Y 
# 
loop_
_pdbx_validate_torsion.id 
_pdbx_validate_torsion.PDB_model_num 
_pdbx_validate_torsion.auth_comp_id 
_pdbx_validate_torsion.auth_asym_id 
_pdbx_validate_torsion.auth_seq_id 
_pdbx_validate_torsion.PDB_ins_code 
_pdbx_validate_torsion.label_alt_id 
_pdbx_validate_torsion.phi 
_pdbx_validate_torsion.psi 
1 1 LEU A 4 ? ? -38.15  -34.33 
2 1 SER A 6 ? ? -104.72 42.57  
# 
loop_
_pdbx_struct_mod_residue.id 
_pdbx_struct_mod_residue.label_asym_id 
_pdbx_struct_mod_residue.label_comp_id 
_pdbx_struct_mod_residue.label_seq_id 
_pdbx_struct_mod_residue.auth_asym_id 
_pdbx_struct_mod_residue.auth_comp_id 
_pdbx_struct_mod_residue.auth_seq_id 
_pdbx_struct_mod_residue.PDB_ins_code 
_pdbx_struct_mod_residue.parent_comp_id 
_pdbx_struct_mod_residue.details 
1 A MSE 28 A MSE 8  ? MET SELENOMETHIONINE 
2 A MSE 40 A MSE 20 ? MET SELENOMETHIONINE 
3 A MSE 74 A MSE 54 ? MET SELENOMETHIONINE 
# 
loop_
_pdbx_unobs_or_zero_occ_residues.id 
_pdbx_unobs_or_zero_occ_residues.PDB_model_num 
_pdbx_unobs_or_zero_occ_residues.polymer_flag 
_pdbx_unobs_or_zero_occ_residues.occupancy_flag 
_pdbx_unobs_or_zero_occ_residues.auth_asym_id 
_pdbx_unobs_or_zero_occ_residues.auth_comp_id 
_pdbx_unobs_or_zero_occ_residues.auth_seq_id 
_pdbx_unobs_or_zero_occ_residues.PDB_ins_code 
_pdbx_unobs_or_zero_occ_residues.label_asym_id 
_pdbx_unobs_or_zero_occ_residues.label_comp_id 
_pdbx_unobs_or_zero_occ_residues.label_seq_id 
1  1 Y 1 A MSE -19 ? A MSE 1  
2  1 Y 1 A GLY -18 ? A GLY 2  
3  1 Y 1 A SER -17 ? A SER 3  
4  1 Y 1 A SER -16 ? A SER 4  
5  1 Y 1 A HIS -15 ? A HIS 5  
6  1 Y 1 A HIS -14 ? A HIS 6  
7  1 Y 1 A HIS -13 ? A HIS 7  
8  1 Y 1 A HIS -12 ? A HIS 8  
9  1 Y 1 A HIS -11 ? A HIS 9  
10 1 Y 1 A HIS -10 ? A HIS 10 
11 1 Y 1 A SER -9  ? A SER 11 
12 1 Y 1 A SER -8  ? A SER 12 
13 1 Y 1 A GLY -7  ? A GLY 13 
14 1 Y 1 A LEU -6  ? A LEU 14 
15 1 Y 1 A VAL -5  ? A VAL 15 
16 1 Y 1 A PRO -4  ? A PRO 16 
17 1 Y 1 A ARG -3  ? A ARG 17 
18 1 Y 1 A GLY -2  ? A GLY 18 
19 1 Y 1 A SER -1  ? A SER 19 
20 1 Y 1 A HIS 0   ? A HIS 20 
21 1 Y 1 A MSE 1   ? A MSE 21 
22 1 Y 1 A SER 2   ? A SER 22 
23 1 Y 1 A LEU 68  ? A LEU 88 
# 
loop_
_chem_comp_atom.comp_id 
_chem_comp_atom.atom_id 
_chem_comp_atom.type_symbol 
_chem_comp_atom.pdbx_aromatic_flag 
_chem_comp_atom.pdbx_stereo_config 
_chem_comp_atom.pdbx_ordinal 
ALA N    N  N N 1   
ALA CA   C  N S 2   
ALA C    C  N N 3   
ALA O    O  N N 4   
ALA CB   C  N N 5   
ALA OXT  O  N N 6   
ALA H    H  N N 7   
ALA H2   H  N N 8   
ALA HA   H  N N 9   
ALA HB1  H  N N 10  
ALA HB2  H  N N 11  
ALA HB3  H  N N 12  
ALA HXT  H  N N 13  
ARG N    N  N N 14  
ARG CA   C  N S 15  
ARG C    C  N N 16  
ARG O    O  N N 17  
ARG CB   C  N N 18  
ARG CG   C  N N 19  
ARG CD   C  N N 20  
ARG NE   N  N N 21  
ARG CZ   C  N N 22  
ARG NH1  N  N N 23  
ARG NH2  N  N N 24  
ARG OXT  O  N N 25  
ARG H    H  N N 26  
ARG H2   H  N N 27  
ARG HA   H  N N 28  
ARG HB2  H  N N 29  
ARG HB3  H  N N 30  
ARG HG2  H  N N 31  
ARG HG3  H  N N 32  
ARG HD2  H  N N 33  
ARG HD3  H  N N 34  
ARG HE   H  N N 35  
ARG HH11 H  N N 36  
ARG HH12 H  N N 37  
ARG HH21 H  N N 38  
ARG HH22 H  N N 39  
ARG HXT  H  N N 40  
ASN N    N  N N 41  
ASN CA   C  N S 42  
ASN C    C  N N 43  
ASN O    O  N N 44  
ASN CB   C  N N 45  
ASN CG   C  N N 46  
ASN OD1  O  N N 47  
ASN ND2  N  N N 48  
ASN OXT  O  N N 49  
ASN H    H  N N 50  
ASN H2   H  N N 51  
ASN HA   H  N N 52  
ASN HB2  H  N N 53  
ASN HB3  H  N N 54  
ASN HD21 H  N N 55  
ASN HD22 H  N N 56  
ASN HXT  H  N N 57  
ASP N    N  N N 58  
ASP CA   C  N S 59  
ASP C    C  N N 60  
ASP O    O  N N 61  
ASP CB   C  N N 62  
ASP CG   C  N N 63  
ASP OD1  O  N N 64  
ASP OD2  O  N N 65  
ASP OXT  O  N N 66  
ASP H    H  N N 67  
ASP H2   H  N N 68  
ASP HA   H  N N 69  
ASP HB2  H  N N 70  
ASP HB3  H  N N 71  
ASP HD2  H  N N 72  
ASP HXT  H  N N 73  
GLN N    N  N N 74  
GLN CA   C  N S 75  
GLN C    C  N N 76  
GLN O    O  N N 77  
GLN CB   C  N N 78  
GLN CG   C  N N 79  
GLN CD   C  N N 80  
GLN OE1  O  N N 81  
GLN NE2  N  N N 82  
GLN OXT  O  N N 83  
GLN H    H  N N 84  
GLN H2   H  N N 85  
GLN HA   H  N N 86  
GLN HB2  H  N N 87  
GLN HB3  H  N N 88  
GLN HG2  H  N N 89  
GLN HG3  H  N N 90  
GLN HE21 H  N N 91  
GLN HE22 H  N N 92  
GLN HXT  H  N N 93  
GLU N    N  N N 94  
GLU CA   C  N S 95  
GLU C    C  N N 96  
GLU O    O  N N 97  
GLU CB   C  N N 98  
GLU CG   C  N N 99  
GLU CD   C  N N 100 
GLU OE1  O  N N 101 
GLU OE2  O  N N 102 
GLU OXT  O  N N 103 
GLU H    H  N N 104 
GLU H2   H  N N 105 
GLU HA   H  N N 106 
GLU HB2  H  N N 107 
GLU HB3  H  N N 108 
GLU HG2  H  N N 109 
GLU HG3  H  N N 110 
GLU HE2  H  N N 111 
GLU HXT  H  N N 112 
GLY N    N  N N 113 
GLY CA   C  N N 114 
GLY C    C  N N 115 
GLY O    O  N N 116 
GLY OXT  O  N N 117 
GLY H    H  N N 118 
GLY H2   H  N N 119 
GLY HA2  H  N N 120 
GLY HA3  H  N N 121 
GLY HXT  H  N N 122 
HIS N    N  N N 123 
HIS CA   C  N S 124 
HIS C    C  N N 125 
HIS O    O  N N 126 
HIS CB   C  N N 127 
HIS CG   C  Y N 128 
HIS ND1  N  Y N 129 
HIS CD2  C  Y N 130 
HIS CE1  C  Y N 131 
HIS NE2  N  Y N 132 
HIS OXT  O  N N 133 
HIS H    H  N N 134 
HIS H2   H  N N 135 
HIS HA   H  N N 136 
HIS HB2  H  N N 137 
HIS HB3  H  N N 138 
HIS HD1  H  N N 139 
HIS HD2  H  N N 140 
HIS HE1  H  N N 141 
HIS HE2  H  N N 142 
HIS HXT  H  N N 143 
HOH O    O  N N 144 
HOH H1   H  N N 145 
HOH H2   H  N N 146 
ILE N    N  N N 147 
ILE CA   C  N S 148 
ILE C    C  N N 149 
ILE O    O  N N 150 
ILE CB   C  N S 151 
ILE CG1  C  N N 152 
ILE CG2  C  N N 153 
ILE CD1  C  N N 154 
ILE OXT  O  N N 155 
ILE H    H  N N 156 
ILE H2   H  N N 157 
ILE HA   H  N N 158 
ILE HB   H  N N 159 
ILE HG12 H  N N 160 
ILE HG13 H  N N 161 
ILE HG21 H  N N 162 
ILE HG22 H  N N 163 
ILE HG23 H  N N 164 
ILE HD11 H  N N 165 
ILE HD12 H  N N 166 
ILE HD13 H  N N 167 
ILE HXT  H  N N 168 
LEU N    N  N N 169 
LEU CA   C  N S 170 
LEU C    C  N N 171 
LEU O    O  N N 172 
LEU CB   C  N N 173 
LEU CG   C  N N 174 
LEU CD1  C  N N 175 
LEU CD2  C  N N 176 
LEU OXT  O  N N 177 
LEU H    H  N N 178 
LEU H2   H  N N 179 
LEU HA   H  N N 180 
LEU HB2  H  N N 181 
LEU HB3  H  N N 182 
LEU HG   H  N N 183 
LEU HD11 H  N N 184 
LEU HD12 H  N N 185 
LEU HD13 H  N N 186 
LEU HD21 H  N N 187 
LEU HD22 H  N N 188 
LEU HD23 H  N N 189 
LEU HXT  H  N N 190 
LYS N    N  N N 191 
LYS CA   C  N S 192 
LYS C    C  N N 193 
LYS O    O  N N 194 
LYS CB   C  N N 195 
LYS CG   C  N N 196 
LYS CD   C  N N 197 
LYS CE   C  N N 198 
LYS NZ   N  N N 199 
LYS OXT  O  N N 200 
LYS H    H  N N 201 
LYS H2   H  N N 202 
LYS HA   H  N N 203 
LYS HB2  H  N N 204 
LYS HB3  H  N N 205 
LYS HG2  H  N N 206 
LYS HG3  H  N N 207 
LYS HD2  H  N N 208 
LYS HD3  H  N N 209 
LYS HE2  H  N N 210 
LYS HE3  H  N N 211 
LYS HZ1  H  N N 212 
LYS HZ2  H  N N 213 
LYS HZ3  H  N N 214 
LYS HXT  H  N N 215 
MSE N    N  N N 216 
MSE CA   C  N S 217 
MSE C    C  N N 218 
MSE O    O  N N 219 
MSE OXT  O  N N 220 
MSE CB   C  N N 221 
MSE CG   C  N N 222 
MSE SE   SE N N 223 
MSE CE   C  N N 224 
MSE H    H  N N 225 
MSE H2   H  N N 226 
MSE HA   H  N N 227 
MSE HXT  H  N N 228 
MSE HB2  H  N N 229 
MSE HB3  H  N N 230 
MSE HG2  H  N N 231 
MSE HG3  H  N N 232 
MSE HE1  H  N N 233 
MSE HE2  H  N N 234 
MSE HE3  H  N N 235 
PHE N    N  N N 236 
PHE CA   C  N S 237 
PHE C    C  N N 238 
PHE O    O  N N 239 
PHE CB   C  N N 240 
PHE CG   C  Y N 241 
PHE CD1  C  Y N 242 
PHE CD2  C  Y N 243 
PHE CE1  C  Y N 244 
PHE CE2  C  Y N 245 
PHE CZ   C  Y N 246 
PHE OXT  O  N N 247 
PHE H    H  N N 248 
PHE H2   H  N N 249 
PHE HA   H  N N 250 
PHE HB2  H  N N 251 
PHE HB3  H  N N 252 
PHE HD1  H  N N 253 
PHE HD2  H  N N 254 
PHE HE1  H  N N 255 
PHE HE2  H  N N 256 
PHE HZ   H  N N 257 
PHE HXT  H  N N 258 
PRO N    N  N N 259 
PRO CA   C  N S 260 
PRO C    C  N N 261 
PRO O    O  N N 262 
PRO CB   C  N N 263 
PRO CG   C  N N 264 
PRO CD   C  N N 265 
PRO OXT  O  N N 266 
PRO H    H  N N 267 
PRO HA   H  N N 268 
PRO HB2  H  N N 269 
PRO HB3  H  N N 270 
PRO HG2  H  N N 271 
PRO HG3  H  N N 272 
PRO HD2  H  N N 273 
PRO HD3  H  N N 274 
PRO HXT  H  N N 275 
SER N    N  N N 276 
SER CA   C  N S 277 
SER C    C  N N 278 
SER O    O  N N 279 
SER CB   C  N N 280 
SER OG   O  N N 281 
SER OXT  O  N N 282 
SER H    H  N N 283 
SER H2   H  N N 284 
SER HA   H  N N 285 
SER HB2  H  N N 286 
SER HB3  H  N N 287 
SER HG   H  N N 288 
SER HXT  H  N N 289 
THR N    N  N N 290 
THR CA   C  N S 291 
THR C    C  N N 292 
THR O    O  N N 293 
THR CB   C  N R 294 
THR OG1  O  N N 295 
THR CG2  C  N N 296 
THR OXT  O  N N 297 
THR H    H  N N 298 
THR H2   H  N N 299 
THR HA   H  N N 300 
THR HB   H  N N 301 
THR HG1  H  N N 302 
THR HG21 H  N N 303 
THR HG22 H  N N 304 
THR HG23 H  N N 305 
THR HXT  H  N N 306 
TYR N    N  N N 307 
TYR CA   C  N S 308 
TYR C    C  N N 309 
TYR O    O  N N 310 
TYR CB   C  N N 311 
TYR CG   C  Y N 312 
TYR CD1  C  Y N 313 
TYR CD2  C  Y N 314 
TYR CE1  C  Y N 315 
TYR CE2  C  Y N 316 
TYR CZ   C  Y N 317 
TYR OH   O  N N 318 
TYR OXT  O  N N 319 
TYR H    H  N N 320 
TYR H2   H  N N 321 
TYR HA   H  N N 322 
TYR HB2  H  N N 323 
TYR HB3  H  N N 324 
TYR HD1  H  N N 325 
TYR HD2  H  N N 326 
TYR HE1  H  N N 327 
TYR HE2  H  N N 328 
TYR HH   H  N N 329 
TYR HXT  H  N N 330 
VAL N    N  N N 331 
VAL CA   C  N S 332 
VAL C    C  N N 333 
VAL O    O  N N 334 
VAL CB   C  N N 335 
VAL CG1  C  N N 336 
VAL CG2  C  N N 337 
VAL OXT  O  N N 338 
VAL H    H  N N 339 
VAL H2   H  N N 340 
VAL HA   H  N N 341 
VAL HB   H  N N 342 
VAL HG11 H  N N 343 
VAL HG12 H  N N 344 
VAL HG13 H  N N 345 
VAL HG21 H  N N 346 
VAL HG22 H  N N 347 
VAL HG23 H  N N 348 
VAL HXT  H  N N 349 
# 
loop_
_chem_comp_bond.comp_id 
_chem_comp_bond.atom_id_1 
_chem_comp_bond.atom_id_2 
_chem_comp_bond.value_order 
_chem_comp_bond.pdbx_aromatic_flag 
_chem_comp_bond.pdbx_stereo_config 
_chem_comp_bond.pdbx_ordinal 
ALA N   CA   sing N N 1   
ALA N   H    sing N N 2   
ALA N   H2   sing N N 3   
ALA CA  C    sing N N 4   
ALA CA  CB   sing N N 5   
ALA CA  HA   sing N N 6   
ALA C   O    doub N N 7   
ALA C   OXT  sing N N 8   
ALA CB  HB1  sing N N 9   
ALA CB  HB2  sing N N 10  
ALA CB  HB3  sing N N 11  
ALA OXT HXT  sing N N 12  
ARG N   CA   sing N N 13  
ARG N   H    sing N N 14  
ARG N   H2   sing N N 15  
ARG CA  C    sing N N 16  
ARG CA  CB   sing N N 17  
ARG CA  HA   sing N N 18  
ARG C   O    doub N N 19  
ARG C   OXT  sing N N 20  
ARG CB  CG   sing N N 21  
ARG CB  HB2  sing N N 22  
ARG CB  HB3  sing N N 23  
ARG CG  CD   sing N N 24  
ARG CG  HG2  sing N N 25  
ARG CG  HG3  sing N N 26  
ARG CD  NE   sing N N 27  
ARG CD  HD2  sing N N 28  
ARG CD  HD3  sing N N 29  
ARG NE  CZ   sing N N 30  
ARG NE  HE   sing N N 31  
ARG CZ  NH1  sing N N 32  
ARG CZ  NH2  doub N N 33  
ARG NH1 HH11 sing N N 34  
ARG NH1 HH12 sing N N 35  
ARG NH2 HH21 sing N N 36  
ARG NH2 HH22 sing N N 37  
ARG OXT HXT  sing N N 38  
ASN N   CA   sing N N 39  
ASN N   H    sing N N 40  
ASN N   H2   sing N N 41  
ASN CA  C    sing N N 42  
ASN CA  CB   sing N N 43  
ASN CA  HA   sing N N 44  
ASN C   O    doub N N 45  
ASN C   OXT  sing N N 46  
ASN CB  CG   sing N N 47  
ASN CB  HB2  sing N N 48  
ASN CB  HB3  sing N N 49  
ASN CG  OD1  doub N N 50  
ASN CG  ND2  sing N N 51  
ASN ND2 HD21 sing N N 52  
ASN ND2 HD22 sing N N 53  
ASN OXT HXT  sing N N 54  
ASP N   CA   sing N N 55  
ASP N   H    sing N N 56  
ASP N   H2   sing N N 57  
ASP CA  C    sing N N 58  
ASP CA  CB   sing N N 59  
ASP CA  HA   sing N N 60  
ASP C   O    doub N N 61  
ASP C   OXT  sing N N 62  
ASP CB  CG   sing N N 63  
ASP CB  HB2  sing N N 64  
ASP CB  HB3  sing N N 65  
ASP CG  OD1  doub N N 66  
ASP CG  OD2  sing N N 67  
ASP OD2 HD2  sing N N 68  
ASP OXT HXT  sing N N 69  
GLN N   CA   sing N N 70  
GLN N   H    sing N N 71  
GLN N   H2   sing N N 72  
GLN CA  C    sing N N 73  
GLN CA  CB   sing N N 74  
GLN CA  HA   sing N N 75  
GLN C   O    doub N N 76  
GLN C   OXT  sing N N 77  
GLN CB  CG   sing N N 78  
GLN CB  HB2  sing N N 79  
GLN CB  HB3  sing N N 80  
GLN CG  CD   sing N N 81  
GLN CG  HG2  sing N N 82  
GLN CG  HG3  sing N N 83  
GLN CD  OE1  doub N N 84  
GLN CD  NE2  sing N N 85  
GLN NE2 HE21 sing N N 86  
GLN NE2 HE22 sing N N 87  
GLN OXT HXT  sing N N 88  
GLU N   CA   sing N N 89  
GLU N   H    sing N N 90  
GLU N   H2   sing N N 91  
GLU CA  C    sing N N 92  
GLU CA  CB   sing N N 93  
GLU CA  HA   sing N N 94  
GLU C   O    doub N N 95  
GLU C   OXT  sing N N 96  
GLU CB  CG   sing N N 97  
GLU CB  HB2  sing N N 98  
GLU CB  HB3  sing N N 99  
GLU CG  CD   sing N N 100 
GLU CG  HG2  sing N N 101 
GLU CG  HG3  sing N N 102 
GLU CD  OE1  doub N N 103 
GLU CD  OE2  sing N N 104 
GLU OE2 HE2  sing N N 105 
GLU OXT HXT  sing N N 106 
GLY N   CA   sing N N 107 
GLY N   H    sing N N 108 
GLY N   H2   sing N N 109 
GLY CA  C    sing N N 110 
GLY CA  HA2  sing N N 111 
GLY CA  HA3  sing N N 112 
GLY C   O    doub N N 113 
GLY C   OXT  sing N N 114 
GLY OXT HXT  sing N N 115 
HIS N   CA   sing N N 116 
HIS N   H    sing N N 117 
HIS N   H2   sing N N 118 
HIS CA  C    sing N N 119 
HIS CA  CB   sing N N 120 
HIS CA  HA   sing N N 121 
HIS C   O    doub N N 122 
HIS C   OXT  sing N N 123 
HIS CB  CG   sing N N 124 
HIS CB  HB2  sing N N 125 
HIS CB  HB3  sing N N 126 
HIS CG  ND1  sing Y N 127 
HIS CG  CD2  doub Y N 128 
HIS ND1 CE1  doub Y N 129 
HIS ND1 HD1  sing N N 130 
HIS CD2 NE2  sing Y N 131 
HIS CD2 HD2  sing N N 132 
HIS CE1 NE2  sing Y N 133 
HIS CE1 HE1  sing N N 134 
HIS NE2 HE2  sing N N 135 
HIS OXT HXT  sing N N 136 
HOH O   H1   sing N N 137 
HOH O   H2   sing N N 138 
ILE N   CA   sing N N 139 
ILE N   H    sing N N 140 
ILE N   H2   sing N N 141 
ILE CA  C    sing N N 142 
ILE CA  CB   sing N N 143 
ILE CA  HA   sing N N 144 
ILE C   O    doub N N 145 
ILE C   OXT  sing N N 146 
ILE CB  CG1  sing N N 147 
ILE CB  CG2  sing N N 148 
ILE CB  HB   sing N N 149 
ILE CG1 CD1  sing N N 150 
ILE CG1 HG12 sing N N 151 
ILE CG1 HG13 sing N N 152 
ILE CG2 HG21 sing N N 153 
ILE CG2 HG22 sing N N 154 
ILE CG2 HG23 sing N N 155 
ILE CD1 HD11 sing N N 156 
ILE CD1 HD12 sing N N 157 
ILE CD1 HD13 sing N N 158 
ILE OXT HXT  sing N N 159 
LEU N   CA   sing N N 160 
LEU N   H    sing N N 161 
LEU N   H2   sing N N 162 
LEU CA  C    sing N N 163 
LEU CA  CB   sing N N 164 
LEU CA  HA   sing N N 165 
LEU C   O    doub N N 166 
LEU C   OXT  sing N N 167 
LEU CB  CG   sing N N 168 
LEU CB  HB2  sing N N 169 
LEU CB  HB3  sing N N 170 
LEU CG  CD1  sing N N 171 
LEU CG  CD2  sing N N 172 
LEU CG  HG   sing N N 173 
LEU CD1 HD11 sing N N 174 
LEU CD1 HD12 sing N N 175 
LEU CD1 HD13 sing N N 176 
LEU CD2 HD21 sing N N 177 
LEU CD2 HD22 sing N N 178 
LEU CD2 HD23 sing N N 179 
LEU OXT HXT  sing N N 180 
LYS N   CA   sing N N 181 
LYS N   H    sing N N 182 
LYS N   H2   sing N N 183 
LYS CA  C    sing N N 184 
LYS CA  CB   sing N N 185 
LYS CA  HA   sing N N 186 
LYS C   O    doub N N 187 
LYS C   OXT  sing N N 188 
LYS CB  CG   sing N N 189 
LYS CB  HB2  sing N N 190 
LYS CB  HB3  sing N N 191 
LYS CG  CD   sing N N 192 
LYS CG  HG2  sing N N 193 
LYS CG  HG3  sing N N 194 
LYS CD  CE   sing N N 195 
LYS CD  HD2  sing N N 196 
LYS CD  HD3  sing N N 197 
LYS CE  NZ   sing N N 198 
LYS CE  HE2  sing N N 199 
LYS CE  HE3  sing N N 200 
LYS NZ  HZ1  sing N N 201 
LYS NZ  HZ2  sing N N 202 
LYS NZ  HZ3  sing N N 203 
LYS OXT HXT  sing N N 204 
MSE N   CA   sing N N 205 
MSE N   H    sing N N 206 
MSE N   H2   sing N N 207 
MSE CA  C    sing N N 208 
MSE CA  CB   sing N N 209 
MSE CA  HA   sing N N 210 
MSE C   O    doub N N 211 
MSE C   OXT  sing N N 212 
MSE OXT HXT  sing N N 213 
MSE CB  CG   sing N N 214 
MSE CB  HB2  sing N N 215 
MSE CB  HB3  sing N N 216 
MSE CG  SE   sing N N 217 
MSE CG  HG2  sing N N 218 
MSE CG  HG3  sing N N 219 
MSE SE  CE   sing N N 220 
MSE CE  HE1  sing N N 221 
MSE CE  HE2  sing N N 222 
MSE CE  HE3  sing N N 223 
PHE N   CA   sing N N 224 
PHE N   H    sing N N 225 
PHE N   H2   sing N N 226 
PHE CA  C    sing N N 227 
PHE CA  CB   sing N N 228 
PHE CA  HA   sing N N 229 
PHE C   O    doub N N 230 
PHE C   OXT  sing N N 231 
PHE CB  CG   sing N N 232 
PHE CB  HB2  sing N N 233 
PHE CB  HB3  sing N N 234 
PHE CG  CD1  doub Y N 235 
PHE CG  CD2  sing Y N 236 
PHE CD1 CE1  sing Y N 237 
PHE CD1 HD1  sing N N 238 
PHE CD2 CE2  doub Y N 239 
PHE CD2 HD2  sing N N 240 
PHE CE1 CZ   doub Y N 241 
PHE CE1 HE1  sing N N 242 
PHE CE2 CZ   sing Y N 243 
PHE CE2 HE2  sing N N 244 
PHE CZ  HZ   sing N N 245 
PHE OXT HXT  sing N N 246 
PRO N   CA   sing N N 247 
PRO N   CD   sing N N 248 
PRO N   H    sing N N 249 
PRO CA  C    sing N N 250 
PRO CA  CB   sing N N 251 
PRO CA  HA   sing N N 252 
PRO C   O    doub N N 253 
PRO C   OXT  sing N N 254 
PRO CB  CG   sing N N 255 
PRO CB  HB2  sing N N 256 
PRO CB  HB3  sing N N 257 
PRO CG  CD   sing N N 258 
PRO CG  HG2  sing N N 259 
PRO CG  HG3  sing N N 260 
PRO CD  HD2  sing N N 261 
PRO CD  HD3  sing N N 262 
PRO OXT HXT  sing N N 263 
SER N   CA   sing N N 264 
SER N   H    sing N N 265 
SER N   H2   sing N N 266 
SER CA  C    sing N N 267 
SER CA  CB   sing N N 268 
SER CA  HA   sing N N 269 
SER C   O    doub N N 270 
SER C   OXT  sing N N 271 
SER CB  OG   sing N N 272 
SER CB  HB2  sing N N 273 
SER CB  HB3  sing N N 274 
SER OG  HG   sing N N 275 
SER OXT HXT  sing N N 276 
THR N   CA   sing N N 277 
THR N   H    sing N N 278 
THR N   H2   sing N N 279 
THR CA  C    sing N N 280 
THR CA  CB   sing N N 281 
THR CA  HA   sing N N 282 
THR C   O    doub N N 283 
THR C   OXT  sing N N 284 
THR CB  OG1  sing N N 285 
THR CB  CG2  sing N N 286 
THR CB  HB   sing N N 287 
THR OG1 HG1  sing N N 288 
THR CG2 HG21 sing N N 289 
THR CG2 HG22 sing N N 290 
THR CG2 HG23 sing N N 291 
THR OXT HXT  sing N N 292 
TYR N   CA   sing N N 293 
TYR N   H    sing N N 294 
TYR N   H2   sing N N 295 
TYR CA  C    sing N N 296 
TYR CA  CB   sing N N 297 
TYR CA  HA   sing N N 298 
TYR C   O    doub N N 299 
TYR C   OXT  sing N N 300 
TYR CB  CG   sing N N 301 
TYR CB  HB2  sing N N 302 
TYR CB  HB3  sing N N 303 
TYR CG  CD1  doub Y N 304 
TYR CG  CD2  sing Y N 305 
TYR CD1 CE1  sing Y N 306 
TYR CD1 HD1  sing N N 307 
TYR CD2 CE2  doub Y N 308 
TYR CD2 HD2  sing N N 309 
TYR CE1 CZ   doub Y N 310 
TYR CE1 HE1  sing N N 311 
TYR CE2 CZ   sing Y N 312 
TYR CE2 HE2  sing N N 313 
TYR CZ  OH   sing N N 314 
TYR OH  HH   sing N N 315 
TYR OXT HXT  sing N N 316 
VAL N   CA   sing N N 317 
VAL N   H    sing N N 318 
VAL N   H2   sing N N 319 
VAL CA  C    sing N N 320 
VAL CA  CB   sing N N 321 
VAL CA  HA   sing N N 322 
VAL C   O    doub N N 323 
VAL C   OXT  sing N N 324 
VAL CB  CG1  sing N N 325 
VAL CB  CG2  sing N N 326 
VAL CB  HB   sing N N 327 
VAL CG1 HG11 sing N N 328 
VAL CG1 HG12 sing N N 329 
VAL CG1 HG13 sing N N 330 
VAL CG2 HG21 sing N N 331 
VAL CG2 HG22 sing N N 332 
VAL CG2 HG23 sing N N 333 
VAL OXT HXT  sing N N 334 
# 
_atom_sites.entry_id                    3B09 
_atom_sites.fract_transf_matrix[1][1]   0.02683795 
_atom_sites.fract_transf_matrix[1][2]   0.01112517 
_atom_sites.fract_transf_matrix[1][3]   -0.00134532 
_atom_sites.fract_transf_matrix[2][1]   0.02045970 
_atom_sites.fract_transf_matrix[2][2]   -0.01325855 
_atom_sites.fract_transf_matrix[2][3]   -0.01585662 
_atom_sites.fract_transf_matrix[3][1]   -0.00261012 
_atom_sites.fract_transf_matrix[3][2]   0.00534850 
_atom_sites.fract_transf_matrix[3][3]   -0.00783999 
_atom_sites.fract_transf_vector[1]      -0.188953 
_atom_sites.fract_transf_vector[2]      -0.093546 
_atom_sites.fract_transf_vector[3]      0.155233 
# 
loop_
_atom_type.symbol 
C  
N  
O  
SE 
# 
loop_
_atom_site.group_PDB 
_atom_site.id 
_atom_site.type_symbol 
_atom_site.label_atom_id 
_atom_site.label_alt_id 
_atom_site.label_comp_id 
_atom_site.label_asym_id 
_atom_site.label_entity_id 
_atom_site.label_seq_id 
_atom_site.pdbx_PDB_ins_code 
_atom_site.Cartn_x 
_atom_site.Cartn_y 
_atom_site.Cartn_z 
_atom_site.occupancy 
_atom_site.B_iso_or_equiv 
_atom_site.pdbx_formal_charge 
_atom_site.auth_seq_id 
_atom_site.auth_comp_id 
_atom_site.auth_asym_id 
_atom_site.auth_atom_id 
_atom_site.pdbx_PDB_model_num 
ATOM   1   N  N   . ASP A 1 23 ? 24.150  -6.139  -13.157 1.00 48.11 ? 3  ASP A N   1 
ATOM   2   C  CA  . ASP A 1 23 ? 24.261  -7.465  -12.473 1.00 44.48 ? 3  ASP A CA  1 
ATOM   3   C  C   . ASP A 1 23 ? 24.713  -7.331  -11.013 1.00 44.15 ? 3  ASP A C   1 
ATOM   4   O  O   . ASP A 1 23 ? 23.947  -7.613  -10.090 1.00 45.41 ? 3  ASP A O   1 
ATOM   5   C  CB  . ASP A 1 23 ? 25.225  -8.381  -13.217 1.00 47.27 ? 3  ASP A CB  1 
ATOM   6   C  CG  . ASP A 1 23 ? 25.922  -9.341  -12.289 1.00 49.61 ? 3  ASP A CG  1 
ATOM   7   O  OD1 . ASP A 1 23 ? 27.161  -9.485  -12.397 1.00 57.20 ? 3  ASP A OD1 1 
ATOM   8   O  OD2 . ASP A 1 23 ? 25.270  -9.769  -11.319 1.00 50.94 ? 3  ASP A OD2 1 
ATOM   9   N  N   . LEU A 1 24 ? 25.947  -6.884  -10.795 1.00 37.06 ? 4  LEU A N   1 
ATOM   10  C  CA  . LEU A 1 24 ? 26.275  -6.239  -9.531  1.00 32.10 ? 4  LEU A CA  1 
ATOM   11  C  C   . LEU A 1 24 ? 25.077  -5.391  -9.122  1.00 30.27 ? 4  LEU A C   1 
ATOM   12  O  O   . LEU A 1 24 ? 24.898  -5.080  -7.952  1.00 28.08 ? 4  LEU A O   1 
ATOM   13  C  CB  . LEU A 1 24 ? 27.494  -5.323  -9.694  1.00 31.70 ? 4  LEU A CB  1 
ATOM   14  C  CG  . LEU A 1 24 ? 28.848  -5.996  -9.909  1.00 29.32 ? 4  LEU A CG  1 
ATOM   15  C  CD1 . LEU A 1 24 ? 29.889  -4.921  -10.175 1.00 31.76 ? 4  LEU A CD1 1 
ATOM   16  C  CD2 . LEU A 1 24 ? 29.217  -6.811  -8.685  1.00 31.85 ? 4  LEU A CD2 1 
ATOM   17  N  N   . PHE A 1 25 ? 24.414  -4.836  -10.131 1.00 29.32 ? 5  PHE A N   1 
ATOM   18  C  CA  . PHE A 1 25 ? 23.299  -3.940  -9.927  1.00 31.72 ? 5  PHE A CA  1 
ATOM   19  C  C   . PHE A 1 25 ? 22.046  -4.805  -10.006 1.00 32.44 ? 5  PHE A C   1 
ATOM   20  O  O   . PHE A 1 25 ? 22.129  -6.003  -10.241 1.00 32.81 ? 5  PHE A O   1 
ATOM   21  C  CB  . PHE A 1 25 ? 23.278  -2.848  -11.010 1.00 34.55 ? 5  PHE A CB  1 
ATOM   22  C  CG  . PHE A 1 25 ? 24.517  -1.974  -11.024 1.00 35.43 ? 5  PHE A CG  1 
ATOM   23  C  CD1 . PHE A 1 25 ? 24.664  -0.942  -10.109 1.00 33.08 ? 5  PHE A CD1 1 
ATOM   24  C  CD2 . PHE A 1 25 ? 25.574  -2.261  -11.875 1.00 38.83 ? 5  PHE A CD2 1 
ATOM   25  C  CE1 . PHE A 1 25 ? 25.847  -0.208  -10.047 1.00 33.62 ? 5  PHE A CE1 1 
ATOM   26  C  CE2 . PHE A 1 25 ? 26.762  -1.531  -11.812 1.00 30.81 ? 5  PHE A CE2 1 
ATOM   27  C  CZ  . PHE A 1 25 ? 26.884  -0.497  -10.911 1.00 33.29 ? 5  PHE A CZ  1 
ATOM   28  N  N   . SER A 1 26 ? 20.945  -4.326  -9.486  1.00 31.51 ? 6  SER A N   1 
ATOM   29  C  CA  . SER A 1 26 ? 19.922  -5.329  -9.240  1.00 33.21 ? 6  SER A CA  1 
ATOM   30  C  C   . SER A 1 26 ? 18.853  -5.214  -10.277 1.00 27.95 ? 6  SER A C   1 
ATOM   31  O  O   . SER A 1 26 ? 17.705  -5.008  -9.940  1.00 27.02 ? 6  SER A O   1 
ATOM   32  C  CB  . SER A 1 26 ? 19.379  -5.221  -7.818  1.00 34.33 ? 6  SER A CB  1 
ATOM   33  O  OG  . SER A 1 26 ? 20.439  -5.431  -6.905  1.00 36.47 ? 6  SER A OG  1 
ATOM   34  N  N   . THR A 1 27 ? 19.292  -5.024  -11.519 1.00 29.03 ? 7  THR A N   1 
ATOM   35  C  CA  . THR A 1 27 ? 18.487  -4.304  -12.495 1.00 28.94 ? 7  THR A CA  1 
ATOM   36  C  C   . THR A 1 27 ? 17.198  -5.061  -12.811 1.00 23.81 ? 7  THR A C   1 
ATOM   37  O  O   . THR A 1 27 ? 16.129  -4.462  -12.878 1.00 26.88 ? 7  THR A O   1 
ATOM   38  C  CB  . THR A 1 27 ? 19.262  -4.074  -13.821 1.00 29.91 ? 7  THR A CB  1 
ATOM   39  O  OG1 . THR A 1 27 ? 20.525  -3.458  -13.537 1.00 38.02 ? 7  THR A OG1 1 
ATOM   40  C  CG2 . THR A 1 27 ? 18.466  -3.167  -14.748 1.00 30.62 ? 7  THR A CG2 1 
HETATM 41  N  N   . MSE A 1 28 ? 17.312  -6.353  -13.112 1.00 25.58 ? 8  MSE A N   1 
HETATM 42  C  CA  . MSE A 1 28 ? 16.131  -7.154  -13.385 1.00 25.82 ? 8  MSE A CA  1 
HETATM 43  C  C   . MSE A 1 28 ? 15.189  -7.127  -12.176 1.00 22.08 ? 8  MSE A C   1 
HETATM 44  O  O   . MSE A 1 28 ? 13.983  -6.984  -12.332 1.00 20.18 ? 8  MSE A O   1 
HETATM 45  C  CB  . MSE A 1 28 ? 16.504  -8.594  -13.737 1.00 29.40 ? 8  MSE A CB  1 
HETATM 46  C  CG  . MSE A 1 28 ? 17.338  -8.719  -15.013 1.00 41.93 ? 8  MSE A CG  1 
HETATM 47  SE SE  . MSE A 1 28 ? 16.343  -8.128  -16.612 1.00 59.90 ? 8  MSE A SE  1 
HETATM 48  C  CE  . MSE A 1 28 ? 16.760  -6.215  -16.538 1.00 48.11 ? 8  MSE A CE  1 
ATOM   49  N  N   . GLU A 1 29 ? 15.735  -7.336  -10.984 1.00 20.00 ? 9  GLU A N   1 
ATOM   50  C  CA  . GLU A 1 29 ? 14.938  -7.257  -9.764  1.00 21.92 ? 9  GLU A CA  1 
ATOM   51  C  C   . GLU A 1 29 ? 14.281  -5.893  -9.583  1.00 22.09 ? 9  GLU A C   1 
ATOM   52  O  O   . GLU A 1 29 ? 13.109  -5.827  -9.237  1.00 21.82 ? 9  GLU A O   1 
ATOM   53  C  CB  . GLU A 1 29 ? 15.741  -7.651  -8.513  1.00 22.54 ? 9  GLU A CB  1 
ATOM   54  C  CG  . GLU A 1 29 ? 16.222  -9.111  -8.512  1.00 25.23 ? 9  GLU A CG  1 
ATOM   55  C  CD  . GLU A 1 29 ? 17.588  -9.292  -9.192  1.00 34.05 ? 9  GLU A CD  1 
ATOM   56  O  OE1 . GLU A 1 29 ? 18.036  -8.394  -9.941  1.00 27.21 ? 9  GLU A OE1 1 
ATOM   57  O  OE2 . GLU A 1 29 ? 18.230  -10.334 -8.960  1.00 44.14 ? 9  GLU A OE2 1 
ATOM   58  N  N   . GLN A 1 30 ? 15.010  -4.809  -9.829  1.00 19.62 ? 10 GLN A N   1 
ATOM   59  C  CA  . GLN A 1 30 ? 14.428  -3.470  -9.630  1.00 24.37 ? 10 GLN A CA  1 
ATOM   60  C  C   . GLN A 1 30 ? 13.279  -3.233  -10.601 1.00 20.92 ? 10 GLN A C   1 
ATOM   61  O  O   . GLN A 1 30 ? 12.224  -2.722  -10.224 1.00 19.98 ? 10 GLN A O   1 
ATOM   62  C  CB  . GLN A 1 30 ? 15.477  -2.379  -9.849  1.00 26.57 ? 10 GLN A CB  1 
ATOM   63  C  CG  . GLN A 1 30 ? 16.619  -2.451  -8.863  1.00 42.67 ? 10 GLN A CG  1 
ATOM   64  C  CD  . GLN A 1 30 ? 16.673  -1.253  -7.964  1.00 39.59 ? 10 GLN A CD  1 
ATOM   65  O  OE1 . GLN A 1 30 ? 16.021  -0.242  -8.227  1.00 54.81 ? 10 GLN A OE1 1 
ATOM   66  N  NE2 . GLN A 1 30 ? 17.530  -1.313  -6.953  1.00 40.68 ? 10 GLN A NE2 1 
ATOM   67  N  N   . HIS A 1 31 ? 13.496  -3.596  -11.858 1.00 17.85 ? 11 HIS A N   1 
ATOM   68  C  CA  . HIS A 1 31 ? 12.496  -3.362  -12.888 1.00 17.99 ? 11 HIS A CA  1 
ATOM   69  C  C   . HIS A 1 31 ? 11.217  -4.134  -12.629 1.00 16.25 ? 11 HIS A C   1 
ATOM   70  O  O   . HIS A 1 31 ? 10.127  -3.586  -12.744 1.00 19.04 ? 11 HIS A O   1 
ATOM   71  C  CB  . HIS A 1 31 ? 13.058  -3.752  -14.252 1.00 18.98 ? 11 HIS A CB  1 
ATOM   72  C  CG  . HIS A 1 31 ? 13.977  -2.727  -14.827 1.00 21.22 ? 11 HIS A CG  1 
ATOM   73  N  ND1 . HIS A 1 31 ? 14.558  -2.859  -16.069 1.00 26.21 ? 11 HIS A ND1 1 
ATOM   74  C  CD2 . HIS A 1 31 ? 14.408  -1.544  -14.330 1.00 21.92 ? 11 HIS A CD2 1 
ATOM   75  C  CE1 . HIS A 1 31 ? 15.348  -1.823  -16.291 1.00 26.15 ? 11 HIS A CE1 1 
ATOM   76  N  NE2 . HIS A 1 31 ? 15.304  -1.031  -15.235 1.00 24.56 ? 11 HIS A NE2 1 
ATOM   77  N  N   . ALA A 1 32 ? 11.361  -5.415  -12.295 1.00 17.26 ? 12 ALA A N   1 
ATOM   78  C  CA  . ALA A 1 32 ? 10.247  -6.266  -11.930 1.00 18.84 ? 12 ALA A CA  1 
ATOM   79  C  C   . ALA A 1 32 ? 9.527   -5.742  -10.695 1.00 16.82 ? 12 ALA A C   1 
ATOM   80  O  O   . ALA A 1 32 ? 8.302   -5.631  -10.687 1.00 20.68 ? 12 ALA A O   1 
ATOM   81  C  CB  . ALA A 1 32 ? 10.735  -7.694  -11.706 1.00 19.83 ? 12 ALA A CB  1 
ATOM   82  N  N   . SER A 1 33 ? 10.286  -5.301  -9.696  1.00 17.32 ? 13 SER A N   1 
ATOM   83  C  CA  . SER A 1 33 ? 9.649   -4.713  -8.525  1.00 17.55 ? 13 SER A CA  1 
ATOM   84  C  C   . SER A 1 33 ? 8.825   -3.488  -8.935  1.00 17.61 ? 13 SER A C   1 
ATOM   85  O  O   . SER A 1 33 ? 7.732   -3.252  -8.425  1.00 17.99 ? 13 SER A O   1 
ATOM   86  C  CB  . SER A 1 33 ? 10.698  -4.309  -7.501  1.00 17.13 ? 13 SER A CB  1 
ATOM   87  O  OG  . SER A 1 33 ? 11.443  -5.422  -7.017  1.00 22.20 ? 13 SER A OG  1 
ATOM   88  N  N   . TYR A 1 34 ? 9.419   -2.635  -9.752  1.00 16.44 ? 14 TYR A N   1 
ATOM   89  C  CA  . TYR A 1 34 ? 8.720   -1.429  -10.193 1.00 19.89 ? 14 TYR A CA  1 
ATOM   90  C  C   . TYR A 1 34 ? 7.420   -1.790  -10.900 1.00 17.96 ? 14 TYR A C   1 
ATOM   91  O  O   . TYR A 1 34 ? 6.388   -1.187  -10.659 1.00 17.84 ? 14 TYR A O   1 
ATOM   92  C  CB  . TYR A 1 34 ? 9.623   -0.579  -11.093 1.00 16.02 ? 14 TYR A CB  1 
ATOM   93  C  CG  . TYR A 1 34 ? 8.969   0.706   -11.560 1.00 19.39 ? 14 TYR A CG  1 
ATOM   94  C  CD1 . TYR A 1 34 ? 8.988   1.852   -10.770 1.00 24.48 ? 14 TYR A CD1 1 
ATOM   95  C  CD2 . TYR A 1 34 ? 8.314   0.763   -12.783 1.00 22.48 ? 14 TYR A CD2 1 
ATOM   96  C  CE1 . TYR A 1 34 ? 8.361   3.022   -11.194 1.00 22.18 ? 14 TYR A CE1 1 
ATOM   97  C  CE2 . TYR A 1 34 ? 7.690   1.911   -13.203 1.00 24.21 ? 14 TYR A CE2 1 
ATOM   98  C  CZ  . TYR A 1 34 ? 7.719   3.037   -12.410 1.00 22.78 ? 14 TYR A CZ  1 
ATOM   99  O  OH  . TYR A 1 34 ? 7.027   4.148   -12.818 1.00 21.50 ? 14 TYR A OH  1 
ATOM   100 N  N   . GLY A 1 35 ? 7.449   -2.831  -11.731 1.00 21.79 ? 15 GLY A N   1 
ATOM   101 C  CA  . GLY A 1 35 ? 6.239   -3.250  -12.451 1.00 18.25 ? 15 GLY A CA  1 
ATOM   102 C  C   . GLY A 1 35 ? 5.177   -3.833  -11.539 1.00 19.60 ? 15 GLY A C   1 
ATOM   103 O  O   . GLY A 1 35 ? 3.988   -3.687  -11.796 1.00 17.88 ? 15 GLY A O   1 
ATOM   104 N  N   . VAL A 1 36 ? 5.600   -4.512  -10.473 1.00 19.59 ? 16 VAL A N   1 
ATOM   105 C  CA  . VAL A 1 36 ? 4.662   -5.014  -9.468  1.00 18.43 ? 16 VAL A CA  1 
ATOM   106 C  C   . VAL A 1 36 ? 3.949   -3.844  -8.791  1.00 16.89 ? 16 VAL A C   1 
ATOM   107 O  O   . VAL A 1 36 ? 2.722   -3.828  -8.644  1.00 18.98 ? 16 VAL A O   1 
ATOM   108 C  CB  . VAL A 1 36 ? 5.395   -5.861  -8.405  1.00 20.98 ? 16 VAL A CB  1 
ATOM   109 C  CG1 . VAL A 1 36 ? 4.516   -6.020  -7.157  1.00 23.96 ? 16 VAL A CG1 1 
ATOM   110 C  CG2 . VAL A 1 36 ? 5.743   -7.231  -8.981  1.00 20.60 ? 16 VAL A CG2 1 
ATOM   111 N  N   . GLY A 1 37 ? 4.726   -2.828  -8.434  1.00 16.75 ? 17 GLY A N   1 
ATOM   112 C  CA  . GLY A 1 37 ? 4.171   -1.594  -7.877  1.00 16.43 ? 17 GLY A CA  1 
ATOM   113 C  C   . GLY A 1 37 ? 3.183   -0.935  -8.814  1.00 18.30 ? 17 GLY A C   1 
ATOM   114 O  O   . GLY A 1 37 ? 2.107   -0.544  -8.383  1.00 15.33 ? 17 GLY A O   1 
ATOM   115 N  N   . ARG A 1 38 ? 3.540   -0.811  -10.095 1.00 17.05 ? 18 ARG A N   1 
ATOM   116 C  CA  . ARG A 1 38 ? 2.614   -0.251  -11.091 1.00 20.87 ? 18 ARG A CA  1 
ATOM   117 C  C   . ARG A 1 38 ? 1.275   -0.956  -11.157 1.00 19.48 ? 18 ARG A C   1 
ATOM   118 O  O   . ARG A 1 38 ? 0.232   -0.303  -11.228 1.00 20.33 ? 18 ARG A O   1 
ATOM   119 C  CB  . ARG A 1 38 ? 3.243   -0.150  -12.486 1.00 22.07 ? 18 ARG A CB  1 
ATOM   120 C  CG  . ARG A 1 38 ? 4.189   1.047   -12.600 1.00 30.98 ? 18 ARG A CG  1 
ATOM   121 C  CD  . ARG A 1 38 ? 4.388   1.517   -14.032 1.00 31.44 ? 18 ARG A CD  1 
ATOM   122 N  NE  . ARG A 1 38 ? 3.240   2.221   -14.577 1.00 26.88 ? 18 ARG A NE  1 
ATOM   123 C  CZ  . ARG A 1 38 ? 3.116   3.545   -14.644 1.00 25.42 ? 18 ARG A CZ  1 
ATOM   124 N  NH1 . ARG A 1 38 ? 4.022   4.348   -14.102 1.00 26.44 ? 18 ARG A NH1 1 
ATOM   125 N  NH2 . ARG A 1 38 ? 2.113   4.064   -15.324 1.00 28.55 ? 18 ARG A NH2 1 
ATOM   126 N  N   . GLN A 1 39 ? 1.284   -2.284  -11.142 1.00 21.07 ? 19 GLN A N   1 
ATOM   127 C  CA  . GLN A 1 39 ? 0.028   -3.028  -11.146 1.00 23.80 ? 19 GLN A CA  1 
ATOM   128 C  C   . GLN A 1 39 ? -0.826  -2.712  -9.913  1.00 23.06 ? 19 GLN A C   1 
ATOM   129 O  O   . GLN A 1 39 ? -2.038  -2.526  -10.015 1.00 23.12 ? 19 GLN A O   1 
ATOM   130 C  CB  . GLN A 1 39 ? 0.280   -4.535  -11.256 1.00 24.60 ? 19 GLN A CB  1 
ATOM   131 C  CG  . GLN A 1 39 ? -0.996  -5.374  -11.429 1.00 33.70 ? 19 GLN A CG  1 
ATOM   132 C  CD  . GLN A 1 39 ? -0.736  -6.884  -11.403 1.00 36.72 ? 19 GLN A CD  1 
ATOM   133 O  OE1 . GLN A 1 39 ? 0.010   -7.385  -10.563 1.00 33.28 ? 19 GLN A OE1 1 
ATOM   134 N  NE2 . GLN A 1 39 ? -1.410  -7.614  -12.286 1.00 35.35 ? 19 GLN A NE2 1 
HETATM 135 N  N   . MSE A 1 40 ? -0.205  -2.670  -8.741  1.00 22.56 ? 20 MSE A N   1 
HETATM 136 C  CA  . MSE A 1 40 ? -0.892  -2.215  -7.537  1.00 23.19 ? 20 MSE A CA  1 
HETATM 137 C  C   . MSE A 1 40 ? -1.449  -0.790  -7.634  1.00 23.61 ? 20 MSE A C   1 
HETATM 138 O  O   . MSE A 1 40 ? -2.535  -0.520  -7.136  1.00 24.65 ? 20 MSE A O   1 
HETATM 139 C  CB  . MSE A 1 40 ? 0.041   -2.317  -6.324  1.00 21.18 ? 20 MSE A CB  1 
HETATM 140 C  CG  . MSE A 1 40 ? 0.402   -3.729  -5.970  1.00 28.15 ? 20 MSE A CG  1 
HETATM 141 SE SE  . MSE A 1 40 ? 1.754   -3.688  -4.539  1.00 47.97 ? 20 MSE A SE  1 
HETATM 142 C  CE  . MSE A 1 40 ? 1.710   -5.584  -4.083  1.00 48.26 ? 20 MSE A CE  1 
ATOM   143 N  N   . GLY A 1 41 ? -0.661  0.138   -8.170  1.00 21.54 ? 21 GLY A N   1 
ATOM   144 C  CA  . GLY A 1 41 ? -1.102  1.524   -8.301  1.00 21.26 ? 21 GLY A CA  1 
ATOM   145 C  C   . GLY A 1 41 ? -2.262  1.654   -9.273  1.00 23.53 ? 21 GLY A C   1 
ATOM   146 O  O   . GLY A 1 41 ? -3.229  2.379   -9.017  1.00 20.03 ? 21 GLY A O   1 
ATOM   147 N  N   . GLU A 1 42 ? -2.226  0.846   -10.324 1.00 22.86 ? 22 GLU A N   1 
ATOM   148 C  CA  . GLU A 1 42 ? -3.314  0.804   -11.286 1.00 27.04 ? 22 GLU A CA  1 
ATOM   149 C  C   . GLU A 1 42 ? -4.593  0.290   -10.634 1.00 27.06 ? 22 GLU A C   1 
ATOM   150 O  O   . GLU A 1 42 ? -5.667  0.826   -10.879 1.00 28.20 ? 22 GLU A O   1 
ATOM   151 C  CB  . GLU A 1 42 ? -2.931  -0.062  -12.504 1.00 26.40 ? 22 GLU A CB  1 
ATOM   152 C  CG  . GLU A 1 42 ? -1.976  0.613   -13.470 1.00 33.81 ? 22 GLU A CG  1 
ATOM   153 C  CD  . GLU A 1 42 ? -1.321  -0.360  -14.448 1.00 46.41 ? 22 GLU A CD  1 
ATOM   154 O  OE1 . GLU A 1 42 ? -1.838  -1.487  -14.610 1.00 48.51 ? 22 GLU A OE1 1 
ATOM   155 O  OE2 . GLU A 1 42 ? -0.278  -0.004  -15.043 1.00 50.33 ? 22 GLU A OE2 1 
ATOM   156 N  N   . GLN A 1 43 ? -4.464  -0.713  -9.763  1.00 29.38 ? 23 GLN A N   1 
ATOM   157 C  CA  A GLN A 1 43 ? -5.614  -1.341  -9.098  0.50 31.24 ? 23 GLN A CA  1 
ATOM   158 C  CA  B GLN A 1 43 ? -5.623  -1.335  -9.117  0.50 31.67 ? 23 GLN A CA  1 
ATOM   159 C  C   . GLN A 1 43 ? -6.246  -0.369  -8.113  1.00 32.04 ? 23 GLN A C   1 
ATOM   160 O  O   . GLN A 1 43 ? -7.468  -0.265  -8.011  1.00 30.59 ? 23 GLN A O   1 
ATOM   161 C  CB  A GLN A 1 43 ? -5.179  -2.607  -8.347  0.50 32.04 ? 23 GLN A CB  1 
ATOM   162 C  CB  B GLN A 1 43 ? -5.216  -2.638  -8.412  0.50 32.65 ? 23 GLN A CB  1 
ATOM   163 C  CG  A GLN A 1 43 ? -4.988  -3.831  -9.231  0.50 34.51 ? 23 GLN A CG  1 
ATOM   164 C  CG  B GLN A 1 43 ? -6.146  -3.828  -8.672  0.50 37.68 ? 23 GLN A CG  1 
ATOM   165 C  CD  A GLN A 1 43 ? -4.490  -5.043  -8.461  0.50 42.32 ? 23 GLN A CD  1 
ATOM   166 C  CD  B GLN A 1 43 ? -6.000  -4.409  -10.077 0.50 40.23 ? 23 GLN A CD  1 
ATOM   167 O  OE1 A GLN A 1 43 ? -4.066  -6.040  -9.056  0.50 37.43 ? 23 GLN A OE1 1 
ATOM   168 O  OE1 B GLN A 1 43 ? -5.404  -5.470  -10.261 0.50 45.97 ? 23 GLN A OE1 1 
ATOM   169 N  NE2 A GLN A 1 43 ? -4.511  -4.952  -7.132  0.50 41.88 ? 23 GLN A NE2 1 
ATOM   170 N  NE2 B GLN A 1 43 ? -6.601  -3.748  -11.060 0.50 42.85 ? 23 GLN A NE2 1 
ATOM   171 N  N   . LEU A 1 44 ? -5.397  0.351   -7.394  1.00 31.45 ? 24 LEU A N   1 
ATOM   172 C  CA  . LEU A 1 44 ? -5.848  1.373   -6.469  1.00 31.04 ? 24 LEU A CA  1 
ATOM   173 C  C   . LEU A 1 44 ? -6.568  2.496   -7.190  1.00 32.30 ? 24 LEU A C   1 
ATOM   174 O  O   . LEU A 1 44 ? -7.530  3.058   -6.661  1.00 36.35 ? 24 LEU A O   1 
ATOM   175 C  CB  . LEU A 1 44 ? -4.653  1.959   -5.714  1.00 29.93 ? 24 LEU A CB  1 
ATOM   176 C  CG  . LEU A 1 44 ? -4.234  1.425   -4.350  1.00 34.33 ? 24 LEU A CG  1 
ATOM   177 C  CD1 . LEU A 1 44 ? -3.261  2.423   -3.745  1.00 30.04 ? 24 LEU A CD1 1 
ATOM   178 C  CD2 . LEU A 1 44 ? -5.438  1.212   -3.429  1.00 37.69 ? 24 LEU A CD2 1 
ATOM   179 N  N   . ALA A 1 45 ? -6.006  2.940   -8.309  1.00 31.96 ? 25 ALA A N   1 
ATOM   180 C  CA  . ALA A 1 45 ? -6.570  4.071   -9.019  1.00 33.97 ? 25 ALA A CA  1 
ATOM   181 C  C   . ALA A 1 45 ? -7.964  3.713   -9.511  1.00 37.43 ? 25 ALA A C   1 
ATOM   182 O  O   . ALA A 1 45 ? -8.832  4.578   -9.596  1.00 37.62 ? 25 ALA A O   1 
ATOM   183 C  CB  . ALA A 1 45 ? -5.687  4.486   -10.178 1.00 32.70 ? 25 ALA A CB  1 
ATOM   184 N  N   . ALA A 1 46 ? -8.196  2.417   -9.710  1.00 40.25 ? 26 ALA A N   1 
ATOM   185 C  CA  . ALA A 1 46 ? -9.467  1.920   -10.235 1.00 42.91 ? 26 ALA A CA  1 
ATOM   186 C  C   . ALA A 1 46 ? -10.509 1.776   -9.139  1.00 45.51 ? 26 ALA A C   1 
ATOM   187 O  O   . ALA A 1 46 ? -11.708 1.928   -9.387  1.00 45.66 ? 26 ALA A O   1 
ATOM   188 C  CB  . ALA A 1 46 ? -9.269  0.590   -10.939 1.00 42.13 ? 26 ALA A CB  1 
ATOM   189 N  N   . ASN A 1 47 ? -10.069 1.335   -7.968  1.00 45.46 ? 27 ASN A N   1 
ATOM   190 C  CA  . ASN A 1 47 ? -10.973 1.142   -6.842  1.00 49.01 ? 27 ASN A CA  1 
ATOM   191 C  C   . ASN A 1 47 ? -10.383 1.673   -5.545  1.00 47.01 ? 27 ASN A C   1 
ATOM   192 O  O   . ASN A 1 47 ? -10.082 0.910   -4.633  1.00 48.95 ? 27 ASN A O   1 
ATOM   193 C  CB  . ASN A 1 47 ? -11.341 -0.335  -6.688  1.00 50.02 ? 27 ASN A CB  1 
ATOM   194 C  CG  . ASN A 1 47 ? -12.842 -0.555  -6.603  1.00 59.49 ? 27 ASN A CG  1 
ATOM   195 O  OD1 . ASN A 1 47 ? -13.473 -0.236  -5.593  1.00 67.06 ? 27 ASN A OD1 1 
ATOM   196 N  ND2 . ASN A 1 47 ? -13.428 -1.061  -7.683  1.00 64.47 ? 27 ASN A ND2 1 
ATOM   197 N  N   . SER A 1 48 ? -10.148 2.979   -5.498  1.00 45.54 ? 28 SER A N   1 
ATOM   198 C  CA  . SER A 1 48 ? -9.674  3.616   -4.281  1.00 45.14 ? 28 SER A CA  1 
ATOM   199 C  C   . SER A 1 48 ? -10.834 4.332   -3.598  1.00 42.51 ? 28 SER A C   1 
ATOM   200 O  O   . SER A 1 48 ? -11.980 4.212   -4.020  1.00 45.48 ? 28 SER A O   1 
ATOM   201 C  CB  . SER A 1 48 ? -8.532  4.593   -4.588  1.00 43.17 ? 28 SER A CB  1 
ATOM   202 O  OG  . SER A 1 48 ? -8.997  5.757   -5.253  1.00 48.89 ? 28 SER A OG  1 
ATOM   203 N  N   . PHE A 1 49 ? -10.537 5.089   -2.553  1.00 39.88 ? 29 PHE A N   1 
ATOM   204 C  CA  . PHE A 1 49 ? -11.526 5.998   -1.997  1.00 35.41 ? 29 PHE A CA  1 
ATOM   205 C  C   . PHE A 1 49 ? -11.037 7.426   -2.099  1.00 35.90 ? 29 PHE A C   1 
ATOM   206 O  O   . PHE A 1 49 ? -9.839  7.680   -2.136  1.00 32.23 ? 29 PHE A O   1 
ATOM   207 C  CB  . PHE A 1 49 ? -11.831 5.637   -0.545  1.00 36.79 ? 29 PHE A CB  1 
ATOM   208 C  CG  . PHE A 1 49 ? -10.617 5.589   0.340   1.00 28.82 ? 29 PHE A CG  1 
ATOM   209 C  CD1 . PHE A 1 49 ? -10.263 6.686   1.109   1.00 27.69 ? 29 PHE A CD1 1 
ATOM   210 C  CD2 . PHE A 1 49 ? -9.883  4.416   0.471   1.00 32.51 ? 29 PHE A CD2 1 
ATOM   211 C  CE1 . PHE A 1 49 ? -9.158  6.631   1.964   1.00 26.05 ? 29 PHE A CE1 1 
ATOM   212 C  CE2 . PHE A 1 49 ? -8.751  4.369   1.287   1.00 27.79 ? 29 PHE A CE2 1 
ATOM   213 C  CZ  . PHE A 1 49 ? -8.394  5.470   2.026   1.00 22.88 ? 29 PHE A CZ  1 
ATOM   214 N  N   . GLU A 1 50 ? -11.974 8.364   -2.084  1.00 37.40 ? 30 GLU A N   1 
ATOM   215 C  CA  . GLU A 1 50 ? -11.635 9.774   -2.073  1.00 38.99 ? 30 GLU A CA  1 
ATOM   216 C  C   . GLU A 1 50 ? -10.793 10.087  -0.849  1.00 37.39 ? 30 GLU A C   1 
ATOM   217 O  O   . GLU A 1 50 ? -11.153 9.713   0.264   1.00 38.11 ? 30 GLU A O   1 
ATOM   218 C  CB  . GLU A 1 50 ? -12.912 10.622  -2.087  1.00 41.14 ? 30 GLU A CB  1 
ATOM   219 C  CG  . GLU A 1 50 ? -12.779 11.969  -1.402  1.00 46.68 ? 30 GLU A CG  1 
ATOM   220 C  CD  . GLU A 1 50 ? -13.476 13.085  -2.169  1.00 61.23 ? 30 GLU A CD  1 
ATOM   221 O  OE1 . GLU A 1 50 ? -14.533 12.815  -2.786  1.00 63.63 ? 30 GLU A OE1 1 
ATOM   222 O  OE2 . GLU A 1 50 ? -12.959 14.226  -2.169  1.00 61.41 ? 30 GLU A OE2 1 
ATOM   223 N  N   . GLY A 1 51 ? -9.641  10.723  -1.061  1.00 34.35 ? 31 GLY A N   1 
ATOM   224 C  CA  . GLY A 1 51 ? -8.764  11.099  0.050   1.00 32.26 ? 31 GLY A CA  1 
ATOM   225 C  C   . GLY A 1 51 ? -7.720  10.053  0.432   1.00 30.01 ? 31 GLY A C   1 
ATOM   226 O  O   . GLY A 1 51 ? -6.981  10.240  1.398   1.00 29.05 ? 31 GLY A O   1 
ATOM   227 N  N   . ILE A 1 52 ? -7.549  9.028   -0.402  1.00 27.65 ? 32 ILE A N   1 
ATOM   228 C  CA  . ILE A 1 52 ? -6.529  8.013   -0.132  1.00 25.97 ? 32 ILE A CA  1 
ATOM   229 C  C   . ILE A 1 52 ? -5.142  8.644   -0.213  1.00 25.70 ? 32 ILE A C   1 
ATOM   230 O  O   . ILE A 1 52 ? -4.932  9.575   -0.994  1.00 24.91 ? 32 ILE A O   1 
ATOM   231 C  CB  . ILE A 1 52 ? -6.643  6.800   -1.082  1.00 26.75 ? 32 ILE A CB  1 
ATOM   232 C  CG1 . ILE A 1 52 ? -5.696  5.679   -0.630  1.00 28.94 ? 32 ILE A CG1 1 
ATOM   233 C  CG2 . ILE A 1 52 ? -6.352  7.196   -2.533  1.00 31.03 ? 32 ILE A CG2 1 
ATOM   234 C  CD1 . ILE A 1 52 ? -5.841  4.412   -1.447  1.00 32.72 ? 32 ILE A CD1 1 
ATOM   235 N  N   . ASP A 1 53 ? -4.305  8.336   0.775   1.00 22.01 ? 33 ASP A N   1 
ATOM   236 C  CA  . ASP A 1 53 ? -3.028  9.025   0.959   1.00 24.08 ? 33 ASP A CA  1 
ATOM   237 C  C   . ASP A 1 53 ? -1.870  8.119   0.566   1.00 21.23 ? 33 ASP A C   1 
ATOM   238 O  O   . ASP A 1 53 ? -1.621  7.098   1.220   1.00 21.58 ? 33 ASP A O   1 
ATOM   239 C  CB  . ASP A 1 53 ? -2.860  9.459   2.421   1.00 26.19 ? 33 ASP A CB  1 
ATOM   240 C  CG  . ASP A 1 53 ? -1.511  10.111  2.686   1.00 32.61 ? 33 ASP A CG  1 
ATOM   241 O  OD1 . ASP A 1 53 ? -1.465  11.346  2.851   1.00 41.18 ? 33 ASP A OD1 1 
ATOM   242 O  OD2 . ASP A 1 53 ? -0.511  9.374   2.848   1.00 36.89 ? 33 ASP A OD2 1 
ATOM   243 N  N   . ILE A 1 54 ? -1.253  8.400   -0.574  1.00 19.17 ? 34 ILE A N   1 
ATOM   244 C  CA  . ILE A 1 54 ? -0.309  7.441   -1.143  1.00 20.94 ? 34 ILE A CA  1 
ATOM   245 C  C   . ILE A 1 54 ? 0.917   7.162   -0.269  1.00 18.74 ? 34 ILE A C   1 
ATOM   246 O  O   . ILE A 1 54 ? 1.279   6.007   -0.063  1.00 17.20 ? 34 ILE A O   1 
ATOM   247 C  CB  . ILE A 1 54 ? 0.107   7.794   -2.593  1.00 21.89 ? 34 ILE A CB  1 
ATOM   248 C  CG1 . ILE A 1 54 ? -1.080  7.602   -3.534  1.00 23.45 ? 34 ILE A CG1 1 
ATOM   249 C  CG2 . ILE A 1 54 ? 1.267   6.881   -3.027  1.00 21.31 ? 34 ILE A CG2 1 
ATOM   250 C  CD1 . ILE A 1 54 ? -1.860  6.313   -3.314  1.00 24.80 ? 34 ILE A CD1 1 
ATOM   251 N  N   . PRO A 1 55 ? 1.453   8.190   0.396   1.00 18.73 ? 35 PRO A N   1 
ATOM   252 C  CA  . PRO A 1 55 ? 2.569   7.938   1.321   1.00 20.60 ? 35 PRO A CA  1 
ATOM   253 C  C   . PRO A 1 55 ? 2.222   6.978   2.460   1.00 18.88 ? 35 PRO A C   1 
ATOM   254 O  O   . PRO A 1 55 ? 3.058   6.186   2.887   1.00 16.97 ? 35 PRO A O   1 
ATOM   255 C  CB  . PRO A 1 55 ? 2.862   9.332   1.879   1.00 23.25 ? 35 PRO A CB  1 
ATOM   256 C  CG  . PRO A 1 55 ? 2.487   10.235  0.761   1.00 22.51 ? 35 PRO A CG  1 
ATOM   257 C  CD  . PRO A 1 55 ? 1.227   9.632   0.197   1.00 21.58 ? 35 PRO A CD  1 
ATOM   258 N  N   . ALA A 1 56 ? 0.981   7.026   2.939   1.00 19.86 ? 36 ALA A N   1 
ATOM   259 C  CA  . ALA A 1 56 ? 0.562   6.125   4.008   1.00 19.08 ? 36 ALA A CA  1 
ATOM   260 C  C   . ALA A 1 56 ? 0.429   4.714   3.470   1.00 16.08 ? 36 ALA A C   1 
ATOM   261 O  O   . ALA A 1 56 ? 0.768   3.753   4.163   1.00 17.23 ? 36 ALA A O   1 
ATOM   262 C  CB  . ALA A 1 56 ? -0.770  6.583   4.599   1.00 22.05 ? 36 ALA A CB  1 
ATOM   263 N  N   . VAL A 1 57 ? -0.182  4.574   2.290   1.00 18.10 ? 37 VAL A N   1 
ATOM   264 C  CA  . VAL A 1 57 ? -0.208  3.272   1.617   1.00 16.54 ? 37 VAL A CA  1 
ATOM   265 C  C   . VAL A 1 57 ? 1.214   2.703   1.518   1.00 17.44 ? 37 VAL A C   1 
ATOM   266 O  O   . VAL A 1 57 ? 1.455   1.521   1.779   1.00 15.65 ? 37 VAL A O   1 
ATOM   267 C  CB  . VAL A 1 57 ? -0.875  3.335   0.208   1.00 19.31 ? 37 VAL A CB  1 
ATOM   268 C  CG1 . VAL A 1 57 ? -0.846  1.930   -0.446  1.00 14.64 ? 37 VAL A CG1 1 
ATOM   269 C  CG2 . VAL A 1 57 ? -2.309  3.790   0.314   1.00 15.03 ? 37 VAL A CG2 1 
ATOM   270 N  N   . GLN A 1 58 ? 2.139   3.520   1.029   1.00 16.39 ? 38 GLN A N   1 
ATOM   271 C  CA  . GLN A 1 58 ? 3.528   3.088   0.895   1.00 16.28 ? 38 GLN A CA  1 
ATOM   272 C  C   . GLN A 1 58 ? 4.154   2.648   2.215   1.00 16.79 ? 38 GLN A C   1 
ATOM   273 O  O   . GLN A 1 58 ? 4.923   1.700   2.241   1.00 14.56 ? 38 GLN A O   1 
ATOM   274 C  CB  . GLN A 1 58 ? 4.394   4.169   0.255   1.00 18.17 ? 38 GLN A CB  1 
ATOM   275 C  CG  . GLN A 1 58 ? 4.107   4.431   -1.245  1.00 14.81 ? 38 GLN A CG  1 
ATOM   276 C  CD  . GLN A 1 58 ? 4.761   5.703   -1.734  1.00 21.47 ? 38 GLN A CD  1 
ATOM   277 O  OE1 . GLN A 1 58 ? 4.879   6.672   -0.984  1.00 22.36 ? 38 GLN A OE1 1 
ATOM   278 N  NE2 . GLN A 1 58 ? 5.299   5.670   -2.957  1.00 20.88 ? 38 GLN A NE2 1 
ATOM   279 N  N   . ALA A 1 59 ? 3.946   3.420   3.276   1.00 19.13 ? 39 ALA A N   1 
ATOM   280 C  CA  . ALA A 1 59 ? 4.399   3.018   4.618   1.00 20.50 ? 39 ALA A CA  1 
ATOM   281 C  C   . ALA A 1 59 ? 3.820   1.689   5.077   1.00 16.98 ? 39 ALA A C   1 
ATOM   282 O  O   . ALA A 1 59 ? 4.520   0.895   5.687   1.00 17.24 ? 39 ALA A O   1 
ATOM   283 C  CB  . ALA A 1 59 ? 4.084   4.112   5.638   1.00 20.96 ? 39 ALA A CB  1 
ATOM   284 N  N   . GLY A 1 60 ? 2.504   1.536   4.948   1.00 17.41 ? 40 GLY A N   1 
ATOM   285 C  CA  . GLY A 1 60 ? 1.849   0.288   5.321   1.00 17.47 ? 40 GLY A CA  1 
ATOM   286 C  C   . GLY A 1 60 ? 2.432   -0.902  4.577   1.00 18.02 ? 40 GLY A C   1 
ATOM   287 O  O   . GLY A 1 60 ? 2.653   -1.965  5.162   1.00 16.71 ? 40 GLY A O   1 
ATOM   288 N  N   . LEU A 1 61 ? 2.684   -0.725  3.282   1.00 15.56 ? 41 LEU A N   1 
ATOM   289 C  CA  . LEU A 1 61 ? 3.216   -1.806  2.432   1.00 15.76 ? 41 LEU A CA  1 
ATOM   290 C  C   . LEU A 1 61 ? 4.604   -2.226  2.915   1.00 17.31 ? 41 LEU A C   1 
ATOM   291 O  O   . LEU A 1 61 ? 4.887   -3.414  3.077   1.00 18.22 ? 41 LEU A O   1 
ATOM   292 C  CB  . LEU A 1 61 ? 3.279   -1.316  0.978   1.00 15.58 ? 41 LEU A CB  1 
ATOM   293 C  CG  . LEU A 1 61 ? 3.592   -2.303  -0.152  1.00 24.85 ? 41 LEU A CG  1 
ATOM   294 C  CD1 . LEU A 1 61 ? 3.029   -1.723  -1.449  1.00 28.17 ? 41 LEU A CD1 1 
ATOM   295 C  CD2 . LEU A 1 61 ? 5.088   -2.506  -0.265  1.00 29.75 ? 41 LEU A CD2 1 
ATOM   296 N  N   . ALA A 1 62 ? 5.467   -1.248  3.164   1.00 18.58 ? 42 ALA A N   1 
ATOM   297 C  CA  . ALA A 1 62 ? 6.828   -1.543  3.616   1.00 20.13 ? 42 ALA A CA  1 
ATOM   298 C  C   . ALA A 1 62 ? 6.858   -2.198  4.998   1.00 22.15 ? 42 ALA A C   1 
ATOM   299 O  O   . ALA A 1 62 ? 7.577   -3.178  5.209   1.00 20.25 ? 42 ALA A O   1 
ATOM   300 C  CB  . ALA A 1 62 ? 7.666   -0.295  3.609   1.00 18.94 ? 42 ALA A CB  1 
ATOM   301 N  N   . ASP A 1 63 ? 6.093   -1.631  5.931   1.00 20.22 ? 43 ASP A N   1 
ATOM   302 C  CA  . ASP A 1 63 ? 6.002   -2.159  7.294   1.00 23.49 ? 43 ASP A CA  1 
ATOM   303 C  C   . ASP A 1 63 ? 5.552   -3.601  7.256   1.00 20.51 ? 43 ASP A C   1 
ATOM   304 O  O   . ASP A 1 63 ? 6.179   -4.450  7.883   1.00 22.60 ? 43 ASP A O   1 
ATOM   305 C  CB  . ASP A 1 63 ? 5.031   -1.339  8.164   1.00 21.22 ? 43 ASP A CB  1 
ATOM   306 C  CG  . ASP A 1 63 ? 5.576   0.006   8.553   1.00 28.42 ? 43 ASP A CG  1 
ATOM   307 O  OD1 . ASP A 1 63 ? 6.766   0.275   8.267   1.00 30.28 ? 43 ASP A OD1 1 
ATOM   308 O  OD2 . ASP A 1 63 ? 4.789   0.850   9.073   1.00 27.71 ? 43 ASP A OD2 1 
ATOM   309 N  N   . ALA A 1 64 ? 4.422   -3.878  6.598   1.00 20.89 ? 44 ALA A N   1 
ATOM   310 C  CA  . ALA A 1 64 ? 3.885   -5.234  6.542   1.00 22.28 ? 44 ALA A CA  1 
ATOM   311 C  C   . ALA A 1 64 ? 4.785   -6.231  5.828   1.00 24.60 ? 44 ALA A C   1 
ATOM   312 O  O   . ALA A 1 64 ? 4.945   -7.371  6.270   1.00 26.07 ? 44 ALA A O   1 
ATOM   313 C  CB  . ALA A 1 64 ? 2.486   -5.259  5.946   1.00 22.01 ? 44 ALA A CB  1 
ATOM   314 N  N   . PHE A 1 65 ? 5.367   -5.827  4.709   1.00 21.95 ? 45 PHE A N   1 
ATOM   315 C  CA  . PHE A 1 65 ? 6.337   -6.699  4.057   1.00 21.59 ? 45 PHE A CA  1 
ATOM   316 C  C   . PHE A 1 65 ? 7.481   -7.107  4.979   1.00 22.30 ? 45 PHE A C   1 
ATOM   317 O  O   . PHE A 1 65 ? 7.861   -8.277  5.019   1.00 23.76 ? 45 PHE A O   1 
ATOM   318 C  CB  . PHE A 1 65 ? 6.902   -6.055  2.793   1.00 22.00 ? 45 PHE A CB  1 
ATOM   319 C  CG  . PHE A 1 65 ? 7.814   -6.968  2.014   1.00 23.88 ? 45 PHE A CG  1 
ATOM   320 C  CD1 . PHE A 1 65 ? 7.291   -7.887  1.125   1.00 25.48 ? 45 PHE A CD1 1 
ATOM   321 C  CD2 . PHE A 1 65 ? 9.191   -6.833  2.105   1.00 24.56 ? 45 PHE A CD2 1 
ATOM   322 C  CE1 . PHE A 1 65 ? 8.127   -8.767  0.443   1.00 28.83 ? 45 PHE A CE1 1 
ATOM   323 C  CE2 . PHE A 1 65 ? 10.044  -7.672  1.385   1.00 26.03 ? 45 PHE A CE2 1 
ATOM   324 C  CZ  . PHE A 1 65 ? 9.508   -8.674  0.599   1.00 28.13 ? 45 PHE A CZ  1 
ATOM   325 N  N   . ALA A 1 66 ? 8.025   -6.145  5.714   1.00 22.00 ? 46 ALA A N   1 
ATOM   326 C  CA  . ALA A 1 66 ? 9.115   -6.422  6.635   1.00 26.44 ? 46 ALA A CA  1 
ATOM   327 C  C   . ALA A 1 66 ? 8.680   -7.152  7.912   1.00 28.37 ? 46 ALA A C   1 
ATOM   328 O  O   . ALA A 1 66 ? 9.514   -7.457  8.749   1.00 30.58 ? 46 ALA A O   1 
ATOM   329 C  CB  . ALA A 1 66 ? 9.844   -5.143  6.984   1.00 23.13 ? 46 ALA A CB  1 
ATOM   330 N  N   . GLY A 1 67 ? 7.379   -7.340  8.103   1.00 28.74 ? 47 GLY A N   1 
ATOM   331 C  CA  . GLY A 1 67 ? 6.856   -7.994  9.307   1.00 29.53 ? 47 GLY A CA  1 
ATOM   332 C  C   . GLY A 1 67 ? 6.967   -7.137  10.553  1.00 28.02 ? 47 GLY A C   1 
ATOM   333 O  O   . GLY A 1 67 ? 6.940   -7.645  11.683  1.00 27.43 ? 47 GLY A O   1 
ATOM   334 N  N   . LYS A 1 68 ? 6.971   -5.827  10.344  1.00 26.04 ? 48 LYS A N   1 
ATOM   335 C  CA  . LYS A 1 68 ? 7.073   -4.858  11.428  1.00 26.36 ? 48 LYS A CA  1 
ATOM   336 C  C   . LYS A 1 68 ? 5.699   -4.594  12.062  1.00 26.56 ? 48 LYS A C   1 
ATOM   337 O  O   . LYS A 1 68 ? 4.684   -4.692  11.391  1.00 25.84 ? 48 LYS A O   1 
ATOM   338 C  CB  . LYS A 1 68 ? 7.654   -3.555  10.883  1.00 28.83 ? 48 LYS A CB  1 
ATOM   339 C  CG  . LYS A 1 68 ? 7.682   -2.406  11.867  1.00 40.09 ? 48 LYS A CG  1 
ATOM   340 C  CD  . LYS A 1 68 ? 8.791   -1.415  11.529  1.00 53.07 ? 48 LYS A CD  1 
ATOM   341 C  CE  . LYS A 1 68 ? 8.537   -0.715  10.201  1.00 55.65 ? 48 LYS A CE  1 
ATOM   342 N  NZ  . LYS A 1 68 ? 8.617   0.777   10.352  1.00 60.90 ? 48 LYS A NZ  1 
ATOM   343 N  N   . GLU A 1 69 ? 5.667   -4.223  13.324  1.00 24.08 ? 49 GLU A N   1 
ATOM   344 C  CA  . GLU A 1 69 ? 4.452   -3.950  14.044  1.00 25.18 ? 49 GLU A CA  1 
ATOM   345 C  C   . GLU A 1 69 ? 3.670   -2.841  13.353  1.00 25.20 ? 49 GLU A C   1 
ATOM   346 O  O   . GLU A 1 69 ? 4.244   -1.897  12.974  1.00 27.38 ? 49 GLU A O   1 
ATOM   347 C  CB  . GLU A 1 69 ? 4.810   -3.487  15.446  1.00 28.68 ? 49 GLU A CB  1 
ATOM   348 C  CG  . GLU A 1 69 ? 3.663   -3.258  16.364  1.00 32.83 ? 49 GLU A CG  1 
ATOM   349 C  CD  . GLU A 1 69 ? 4.046   -2.542  17.675  0.00 53.67 ? 49 GLU A CD  1 
ATOM   350 O  OE1 . GLU A 1 69 ? 5.161   -1.977  17.784  0.00 57.56 ? 49 GLU A OE1 1 
ATOM   351 O  OE2 . GLU A 1 69 ? 3.205   -2.513  18.594  0.00 58.86 ? 49 GLU A OE2 1 
ATOM   352 N  N   . SER A 1 70 ? 2.360   -2.956  13.232  1.00 24.38 ? 50 SER A N   1 
ATOM   353 C  CA  . SER A 1 70 ? 1.575   -1.921  12.571  1.00 23.06 ? 50 SER A CA  1 
ATOM   354 C  C   . SER A 1 70 ? 1.676   -0.616  13.334  1.00 24.11 ? 50 SER A C   1 
ATOM   355 O  O   . SER A 1 70 ? 1.530   -0.603  14.561  1.00 25.97 ? 50 SER A O   1 
ATOM   356 C  CB  . SER A 1 70 ? 0.111   -2.364  12.489  1.00 23.56 ? 50 SER A CB  1 
ATOM   357 O  OG  . SER A 1 70 ? -0.703  -1.339  11.937  1.00 21.97 ? 50 SER A OG  1 
ATOM   358 N  N   . ALA A 1 71 ? 1.842   0.496   12.625  1.00 20.76 ? 51 ALA A N   1 
ATOM   359 C  CA  . ALA A 1 71 ? 1.841   1.814   13.260  1.00 23.47 ? 51 ALA A CA  1 
ATOM   360 C  C   . ALA A 1 71 ? 0.459   2.203   13.758  1.00 24.84 ? 51 ALA A C   1 
ATOM   361 O  O   . ALA A 1 71 ? 0.302   3.218   14.424  1.00 27.37 ? 51 ALA A O   1 
ATOM   362 C  CB  . ALA A 1 71 ? 2.348   2.883   12.296  1.00 26.29 ? 51 ALA A CB  1 
ATOM   363 N  N   . VAL A 1 72 ? -0.554  1.478   13.299  1.00 25.70 ? 52 VAL A N   1 
ATOM   364 C  CA  . VAL A 1 72 ? -1.951  1.775   13.658  1.00 25.85 ? 52 VAL A CA  1 
ATOM   365 C  C   . VAL A 1 72 ? -2.581  0.499   14.205  1.00 24.31 ? 52 VAL A C   1 
ATOM   366 O  O   . VAL A 1 72 ? -2.495  -0.556  13.577  1.00 22.75 ? 52 VAL A O   1 
ATOM   367 C  CB  . VAL A 1 72 ? -2.755  2.244   12.416  1.00 26.72 ? 52 VAL A CB  1 
ATOM   368 C  CG1 . VAL A 1 72 ? -4.184  2.627   12.803  1.00 29.57 ? 52 VAL A CG1 1 
ATOM   369 C  CG2 . VAL A 1 72 ? -2.062  3.427   11.734  1.00 29.89 ? 52 VAL A CG2 1 
ATOM   370 N  N   . SER A 1 73 ? -3.194  0.591   15.379  1.00 26.27 ? 53 SER A N   1 
ATOM   371 C  CA  . SER A 1 73 ? -3.709  -0.591  16.058  1.00 27.36 ? 53 SER A CA  1 
ATOM   372 C  C   . SER A 1 73 ? -4.808  -1.208  15.205  1.00 27.96 ? 53 SER A C   1 
ATOM   373 O  O   . SER A 1 73 ? -5.471  -0.505  14.444  1.00 27.82 ? 53 SER A O   1 
ATOM   374 C  CB  . SER A 1 73 ? -4.256  -0.214  17.439  1.00 30.22 ? 53 SER A CB  1 
ATOM   375 O  OG  . SER A 1 73 ? -5.471  0.513   17.333  1.00 28.85 ? 53 SER A OG  1 
HETATM 376 N  N   . MSE A 1 74 ? -5.042  -2.504  15.357  1.00 26.42 ? 54 MSE A N   1 
HETATM 377 C  CA  . MSE A 1 74 ? -6.065  -3.168  14.554  1.00 30.21 ? 54 MSE A CA  1 
HETATM 378 C  C   . MSE A 1 74 ? -7.438  -2.546  14.822  1.00 30.06 ? 54 MSE A C   1 
HETATM 379 O  O   . MSE A 1 74 ? -8.308  -2.516  13.937  1.00 25.76 ? 54 MSE A O   1 
HETATM 380 C  CB  . MSE A 1 74 ? -6.104  -4.668  14.863  1.00 33.72 ? 54 MSE A CB  1 
HETATM 381 C  CG  . MSE A 1 74 ? -4.837  -5.423  14.440  1.00 47.79 ? 54 MSE A CG  1 
HETATM 382 SE SE  . MSE A 1 74 ? -4.489  -5.462  12.486  1.00 82.79 ? 54 MSE A SE  1 
HETATM 383 C  CE  . MSE A 1 74 ? -2.966  -4.229  12.414  1.00 66.28 ? 54 MSE A CE  1 
ATOM   384 N  N   . GLU A 1 75 ? -7.634  -2.093  16.058  1.00 26.91 ? 55 GLU A N   1 
ATOM   385 C  CA  . GLU A 1 75 ? -8.887  -1.441  16.467  1.00 31.77 ? 55 GLU A CA  1 
ATOM   386 C  C   . GLU A 1 75 ? -9.087  -0.080  15.790  1.00 30.64 ? 55 GLU A C   1 
ATOM   387 O  O   . GLU A 1 75 ? -10.176 0.219   15.287  1.00 29.71 ? 55 GLU A O   1 
ATOM   388 C  CB  . GLU A 1 75 ? -8.931  -1.272  17.991  1.00 35.87 ? 55 GLU A CB  1 
ATOM   389 C  CG  . GLU A 1 75 ? -10.321 -0.998  18.555  1.00 45.12 ? 55 GLU A CG  1 
ATOM   390 C  CD  . GLU A 1 75 ? -10.312 -0.779  20.069  1.00 56.61 ? 55 GLU A CD  1 
ATOM   391 O  OE1 . GLU A 1 75 ? -9.620  -1.540  20.781  1.00 62.32 ? 55 GLU A OE1 1 
ATOM   392 O  OE2 . GLU A 1 75 ? -11.015 0.139   20.551  1.00 55.50 ? 55 GLU A OE2 1 
ATOM   393 N  N   . GLU A 1 76 ? -8.013  0.698   15.680  1.00 27.39 ? 56 GLU A N   1 
ATOM   394 C  CA  . GLU A 1 76 ? -8.056  1.947   14.929  1.00 26.87 ? 56 GLU A CA  1 
ATOM   395 C  C   . GLU A 1 76 ? -8.255  1.704   13.436  1.00 26.42 ? 56 GLU A C   1 
ATOM   396 O  O   . GLU A 1 76 ? -8.981  2.454   12.779  1.00 26.26 ? 56 GLU A O   1 
ATOM   397 C  CB  . GLU A 1 76 ? -6.773  2.753   15.135  1.00 28.18 ? 56 GLU A CB  1 
ATOM   398 C  CG  . GLU A 1 76 ? -6.606  3.353   16.512  1.00 39.14 ? 56 GLU A CG  1 
ATOM   399 C  CD  . GLU A 1 76 ? -5.302  4.131   16.646  1.00 49.45 ? 56 GLU A CD  1 
ATOM   400 O  OE1 . GLU A 1 76 ? -4.215  3.524   16.481  1.00 52.15 ? 56 GLU A OE1 1 
ATOM   401 O  OE2 . GLU A 1 76 ? -5.375  5.373   16.774  1.00 54.97 ? 56 GLU A OE2 1 
ATOM   402 N  N   . LEU A 1 77 ? -7.592  0.686   12.890  1.00 21.87 ? 57 LEU A N   1 
ATOM   403 C  CA  . LEU A 1 77 ? -7.753  0.360   11.480  1.00 22.51 ? 57 LEU A CA  1 
ATOM   404 C  C   . LEU A 1 77 ? -9.212  0.059   11.151  1.00 23.61 ? 57 LEU A C   1 
ATOM   405 O  O   . LEU A 1 77 ? -9.716  0.511   10.128  1.00 21.80 ? 57 LEU A O   1 
ATOM   406 C  CB  . LEU A 1 77 ? -6.885  -0.834  11.062  1.00 22.86 ? 57 LEU A CB  1 
ATOM   407 C  CG  . LEU A 1 77 ? -5.392  -0.529  10.905  1.00 22.25 ? 57 LEU A CG  1 
ATOM   408 C  CD1 . LEU A 1 77 ? -4.657  -1.762  10.475  1.00 24.86 ? 57 LEU A CD1 1 
ATOM   409 C  CD2 . LEU A 1 77 ? -5.144  0.610   9.908   1.00 24.23 ? 57 LEU A CD2 1 
ATOM   410 N  N   . GLN A 1 78 ? -9.827  -0.821  11.934  1.00 23.24 ? 58 GLN A N   1 
ATOM   411 C  CA  . GLN A 1 78 ? -11.240 -1.170  11.740  1.00 27.82 ? 58 GLN A CA  1 
ATOM   412 C  C   . GLN A 1 78 ? -12.187 0.031   11.775  1.00 25.92 ? 58 GLN A C   1 
ATOM   413 O  O   . GLN A 1 78 ? -13.136 0.103   10.989  1.00 28.08 ? 58 GLN A O   1 
ATOM   414 C  CB  . GLN A 1 78 ? -11.693 -2.211  12.761  1.00 28.75 ? 58 GLN A CB  1 
ATOM   415 C  CG  . GLN A 1 78 ? -13.014 -2.879  12.378  1.00 39.78 ? 58 GLN A CG  1 
ATOM   416 C  CD  . GLN A 1 78 ? -13.064 -3.271  10.911  1.00 46.14 ? 58 GLN A CD  1 
ATOM   417 O  OE1 . GLN A 1 78 ? -13.860 -2.724  10.124  1.00 40.77 ? 58 GLN A OE1 1 
ATOM   418 N  NE2 . GLN A 1 78 ? -12.145 -4.147  10.511  1.00 43.13 ? 58 GLN A NE2 1 
ATOM   419 N  N   . VAL A 1 79 ? -11.977 0.912   12.741  1.00 24.50 ? 59 VAL A N   1 
ATOM   420 C  CA  . VAL A 1 79 ? -12.730 2.159   12.823  1.00 28.07 ? 59 VAL A CA  1 
ATOM   421 C  C   . VAL A 1 79 ? -12.596 3.012   11.555  1.00 27.70 ? 59 VAL A C   1 
ATOM   422 O  O   . VAL A 1 79 ? -13.596 3.468   10.997  1.00 25.33 ? 59 VAL A O   1 
ATOM   423 C  CB  . VAL A 1 79 ? -12.313 2.995   14.046  1.00 27.27 ? 59 VAL A CB  1 
ATOM   424 C  CG1 . VAL A 1 79 ? -12.943 4.384   13.986  1.00 31.96 ? 59 VAL A CG1 1 
ATOM   425 C  CG2 . VAL A 1 79 ? -12.714 2.283   15.357  1.00 32.79 ? 59 VAL A CG2 1 
ATOM   426 N  N   . ALA A 1 80 ? -11.360 3.182   11.086  1.00 24.03 ? 60 ALA A N   1 
ATOM   427 C  CA  . ALA A 1 80 ? -11.079 3.826   9.804   1.00 23.17 ? 60 ALA A CA  1 
ATOM   428 C  C   . ALA A 1 80 ? -11.755 3.156   8.614   1.00 22.16 ? 60 ALA A C   1 
ATOM   429 O  O   . ALA A 1 80 ? -12.328 3.834   7.762   1.00 26.52 ? 60 ALA A O   1 
ATOM   430 C  CB  . ALA A 1 80 ? -9.543  3.904   9.571   1.00 20.15 ? 60 ALA A CB  1 
ATOM   431 N  N   . PHE A 1 81 ? -11.628 1.839   8.486   1.00 22.40 ? 61 PHE A N   1 
ATOM   432 C  CA  . PHE A 1 81 ? -12.240 1.163   7.350   1.00 22.79 ? 61 PHE A CA  1 
ATOM   433 C  C   . PHE A 1 81 ? -13.752 1.384   7.373   1.00 27.37 ? 61 PHE A C   1 
ATOM   434 O  O   . PHE A 1 81 ? -14.392 1.502   6.328   1.00 25.77 ? 61 PHE A O   1 
ATOM   435 C  CB  . PHE A 1 81 ? -11.966 -0.333  7.377   1.00 21.99 ? 61 PHE A CB  1 
ATOM   436 C  CG  . PHE A 1 81 ? -10.515 -0.693  7.211   1.00 29.88 ? 61 PHE A CG  1 
ATOM   437 C  CD1 . PHE A 1 81 ? -9.704  0.017   6.342   1.00 34.04 ? 61 PHE A CD1 1 
ATOM   438 C  CD2 . PHE A 1 81 ? -9.979  -1.764  7.902   1.00 29.00 ? 61 PHE A CD2 1 
ATOM   439 C  CE1 . PHE A 1 81 ? -8.384  -0.352  6.150   1.00 34.20 ? 61 PHE A CE1 1 
ATOM   440 C  CE2 . PHE A 1 81 ? -8.653  -2.112  7.741   1.00 31.75 ? 61 PHE A CE2 1 
ATOM   441 C  CZ  . PHE A 1 81 ? -7.870  -1.425  6.837   1.00 27.84 ? 61 PHE A CZ  1 
ATOM   442 N  N   . THR A 1 82 ? -14.324 1.171   8.544   1.00 27.46 ? 62 THR A N   1 
ATOM   443 C  CA  . THR A 1 82 ? -15.764 1.295   8.725   1.00 31.34 ? 62 THR A CA  1 
ATOM   444 C  C   . THR A 1 82 ? -16.258 2.694   8.352   1.00 32.02 ? 62 THR A C   1 
ATOM   445 O  O   . THR A 1 82 ? -17.163 2.822   7.529   1.00 35.44 ? 62 THR A O   1 
ATOM   446 C  CB  . THR A 1 82 ? -16.167 0.923   10.158  1.00 30.53 ? 62 THR A CB  1 
ATOM   447 O  OG1 . THR A 1 82 ? -15.852 -0.463  10.375  1.00 28.32 ? 62 THR A OG1 1 
ATOM   448 C  CG2 . THR A 1 82 ? -17.666 1.138   10.370  1.00 37.79 ? 62 THR A CG2 1 
ATOM   449 N  N   . GLU A 1 83 ? -15.567 3.727   8.842   1.00 34.85 ? 63 GLU A N   1 
ATOM   450 C  CA  . GLU A 1 83 ? -15.896 5.121   8.525   1.00 33.80 ? 63 GLU A CA  1 
ATOM   451 C  C   . GLU A 1 83 ? -15.747 5.421   7.041   1.00 34.21 ? 63 GLU A C   1 
ATOM   452 O  O   . GLU A 1 83 ? -16.537 6.183   6.482   1.00 33.57 ? 63 GLU A O   1 
ATOM   453 C  CB  . GLU A 1 83 ? -15.028 6.096   9.329   1.00 35.15 ? 63 GLU A CB  1 
ATOM   454 C  CG  . GLU A 1 83 ? -15.715 6.741   10.533  1.00 50.38 ? 63 GLU A CG  1 
ATOM   455 C  CD  . GLU A 1 83 ? -15.252 8.178   10.787  1.00 62.53 ? 63 GLU A CD  1 
ATOM   456 O  OE1 . GLU A 1 83 ? -15.566 8.732   11.866  1.00 65.40 ? 63 GLU A OE1 1 
ATOM   457 O  OE2 . GLU A 1 83 ? -14.592 8.763   9.899   1.00 65.00 ? 63 GLU A OE2 1 
ATOM   458 N  N   . ILE A 1 84 ? -14.652 4.961   6.440   1.00 30.87 ? 64 ILE A N   1 
ATOM   459 C  CA  . ILE A 1 84 ? -14.461 5.141   5.001   1.00 30.29 ? 64 ILE A CA  1 
ATOM   460 C  C   . ILE A 1 84 ? -15.538 4.414   4.203   1.00 35.62 ? 64 ILE A C   1 
ATOM   461 O  O   . ILE A 1 84 ? -16.167 5.008   3.339   1.00 35.69 ? 64 ILE A O   1 
ATOM   462 C  CB  . ILE A 1 84 ? -13.062 4.710   4.522   1.00 29.42 ? 64 ILE A CB  1 
ATOM   463 C  CG1 . ILE A 1 84 ? -11.972 5.581   5.172   1.00 27.69 ? 64 ILE A CG1 1 
ATOM   464 C  CG2 . ILE A 1 84 ? -12.969 4.828   3.015   1.00 30.08 ? 64 ILE A CG2 1 
ATOM   465 C  CD1 . ILE A 1 84 ? -12.158 7.066   4.984   1.00 28.01 ? 64 ILE A CD1 1 
ATOM   466 N  N   . SER A 1 85 ? -15.821 3.163   4.557   1.00 35.25 ? 65 SER A N   1 
ATOM   467 C  CA  . SER A 1 85 ? -16.676 2.320   3.718   1.00 38.50 ? 65 SER A CA  1 
ATOM   468 C  C   . SER A 1 85 ? -17.959 3.032   3.301   1.00 40.56 ? 65 SER A C   1 
ATOM   469 O  O   . SER A 1 85 ? -18.513 2.753   2.233   1.00 42.97 ? 65 SER A O   1 
ATOM   470 C  CB  . SER A 1 85 ? -17.022 1.011   4.432   1.00 35.75 ? 65 SER A CB  1 
ATOM   471 O  OG  . SER A 1 85 ? -15.906 0.142   4.403   1.00 37.14 ? 65 SER A OG  1 
ATOM   472 N  N   . ARG A 1 86 ? -18.506 3.817   4.218   1.00 42.78 ? 66 ARG A N   1 
ATOM   473 C  CA  . ARG A 1 86 ? -19.638 4.685   3.927   1.00 48.66 ? 66 ARG A CA  1 
ATOM   474 C  C   . ARG A 1 86 ? -19.239 5.881   3.077   1.00 52.75 ? 66 ARG A C   1 
ATOM   475 O  O   . ARG A 1 86 ? -18.986 6.969   3.604   1.00 55.30 ? 66 ARG A O   1 
ATOM   476 C  CB  . ARG A 1 86 ? -20.256 5.185   5.229   1.00 45.53 ? 66 ARG A CB  1 
ATOM   477 C  CG  . ARG A 1 86 ? -19.830 4.376   6.431   1.00 43.15 ? 66 ARG A CG  1 
ATOM   478 C  CD  . ARG A 1 86 ? -20.481 4.898   7.691   1.00 36.79 ? 66 ARG A CD  1 
ATOM   479 N  NE  . ARG A 1 86 ? -20.341 3.966   8.811   1.00 38.78 ? 66 ARG A NE  1 
ATOM   480 C  CZ  . ARG A 1 86 ? -21.173 2.957   9.058   1.00 46.06 ? 66 ARG A CZ  1 
ATOM   481 N  NH1 . ARG A 1 86 ? -22.198 2.717   8.237   1.00 40.83 ? 66 ARG A NH1 1 
ATOM   482 N  NH2 . ARG A 1 86 ? -20.962 2.169   10.113  1.00 29.23 ? 66 ARG A NH2 1 
ATOM   483 N  N   . ARG A 1 87 ? -19.232 5.686   1.762   1.00 57.25 ? 67 ARG A N   1 
ATOM   484 C  CA  . ARG A 1 87 ? -19.431 6.778   0.814   1.00 60.68 ? 67 ARG A CA  1 
ATOM   485 C  C   . ARG A 1 87 ? -20.847 7.338   0.936   1.00 62.15 ? 67 ARG A C   1 
ATOM   486 O  O   . ARG A 1 87 ? -21.087 8.278   1.695   1.00 63.42 ? 67 ARG A O   1 
ATOM   487 C  CB  . ARG A 1 87 ? -19.187 6.299   -0.620  1.00 60.69 ? 67 ARG A CB  1 
ATOM   488 C  CG  . ARG A 1 87 ? -17.754 5.893   -0.917  1.00 63.50 ? 67 ARG A CG  1 
ATOM   489 C  CD  . ARG A 1 87 ? -17.558 4.395   -0.743  1.00 65.42 ? 67 ARG A CD  1 
ATOM   490 N  NE  . ARG A 1 87 ? -16.179 4.056   -0.391  1.00 69.74 ? 67 ARG A NE  1 
ATOM   491 C  CZ  . ARG A 1 87 ? -15.620 2.871   -0.622  1.00 71.60 ? 67 ARG A CZ  1 
ATOM   492 N  NH1 . ARG A 1 87 ? -16.316 1.913   -1.219  1.00 73.81 ? 67 ARG A NH1 1 
ATOM   493 N  NH2 . ARG A 1 87 ? -14.366 2.639   -0.253  1.00 67.64 ? 67 ARG A NH2 1 
HETATM 494 O  O   . HOH B 2 .  ? 22.494  -4.594  -6.419  1.00 29.54 ? 69 HOH A O   1 
HETATM 495 O  O   . HOH B 2 .  ? -8.803  5.145   13.116  1.00 26.23 ? 70 HOH A O   1 
HETATM 496 O  O   . HOH B 2 .  ? 6.765   7.818   -4.089  1.00 33.86 ? 71 HOH A O   1 
HETATM 497 O  O   . HOH B 2 .  ? 2.929   -3.538  -14.368 1.00 30.58 ? 72 HOH A O   1 
HETATM 498 O  O   . HOH B 2 .  ? 17.210  0.888   -14.727 1.00 35.12 ? 73 HOH A O   1 
HETATM 499 O  O   . HOH B 2 .  ? 9.880   -3.254  3.699   1.00 25.01 ? 74 HOH A O   1 
HETATM 500 O  O   . HOH B 2 .  ? -1.545  10.665  -1.862  1.00 28.73 ? 75 HOH A O   1 
HETATM 501 O  O   . HOH B 2 .  ? -3.617  -4.147  17.418  1.00 29.65 ? 76 HOH A O   1 
HETATM 502 O  O   . HOH B 2 .  ? 5.285   3.313   9.559   1.00 32.60 ? 77 HOH A O   1 
HETATM 503 O  O   . HOH B 2 .  ? 16.865  -12.803 -10.328 1.00 43.34 ? 78 HOH A O   1 
HETATM 504 O  O   . HOH B 2 .  ? 9.138   -0.179  7.326   1.00 36.31 ? 79 HOH A O   1 
HETATM 505 O  O   . HOH B 2 .  ? -13.285 9.475   2.037   1.00 45.07 ? 80 HOH A O   1 
HETATM 506 O  O   . HOH B 2 .  ? 11.930  -5.209  3.914   1.00 30.74 ? 81 HOH A O   1 
HETATM 507 O  O   . HOH B 2 .  ? 4.629   9.411   -1.991  1.00 41.37 ? 82 HOH A O   1 
HETATM 508 O  O   . HOH B 2 .  ? -5.828  12.239  2.866   1.00 34.44 ? 83 HOH A O   1 
HETATM 509 O  O   . HOH B 2 .  ? -6.322  1.813   -13.111 1.00 43.15 ? 84 HOH A O   1 
HETATM 510 O  O   . HOH B 2 .  ? 11.484  -1.250  2.898   1.00 34.21 ? 85 HOH A O   1 
HETATM 511 O  O   . HOH B 2 .  ? 25.821  -6.416  -5.819  1.00 35.85 ? 86 HOH A O   1 
HETATM 512 O  O   . HOH B 2 .  ? 1.387   11.835  -2.848  1.00 40.75 ? 87 HOH A O   1 
HETATM 513 O  O   . HOH B 2 .  ? -15.945 3.859   12.331  1.00 34.68 ? 88 HOH A O   1 
HETATM 514 O  O   . HOH B 2 .  ? -6.115  -3.026  18.530  1.00 31.39 ? 89 HOH A O   1 
HETATM 515 O  O   . HOH B 2 .  ? 27.690  -6.087  -12.983 1.00 32.39 ? 90 HOH A O   1 
HETATM 516 O  O   . HOH B 2 .  ? 3.273   -4.535  -16.659 1.00 44.25 ? 91 HOH A O   1 
HETATM 517 O  O   . HOH B 2 .  ? 0.982   -5.091  14.379  1.00 35.92 ? 92 HOH A O   1 
HETATM 518 O  O   . HOH B 2 .  ? 10.431  -10.251 3.740   1.00 47.66 ? 93 HOH A O   1 
HETATM 519 O  O   . HOH B 2 .  ? 20.024  -7.702  -13.408 1.00 38.44 ? 94 HOH A O   1 
HETATM 520 O  O   . HOH B 2 .  ? 6.886   -10.792 6.692   1.00 54.36 ? 95 HOH A O   1 
HETATM 521 O  O   . HOH B 2 .  ? -4.950  -7.758  14.871  1.00 52.11 ? 96 HOH A O   1 
# 
